data_8AEN
#
_entry.id   8AEN
#
_cell.length_a   210.850
_cell.length_b   210.850
_cell.length_c   114.760
_cell.angle_alpha   90.000
_cell.angle_beta   90.000
_cell.angle_gamma   120.000
#
_symmetry.space_group_name_H-M   'P 61'
#
loop_
_entity.id
_entity.type
_entity.pdbx_description
1 polymer Acetylcholinesterase
2 branched 2-acetamido-2-deoxy-beta-D-glucopyranose-(1-4)-[alpha-L-fucopyranose-(1-6)]2-acetamido-2-deoxy-beta-D-glucopyranose
3 branched 2-acetamido-2-deoxy-beta-D-glucopyranose-(1-4)-2-acetamido-2-deoxy-beta-D-glucopyranose
4 branched 'N-acetyl-alpha-neuraminic acid-(2-3)-beta-D-galactopyranose-(1-4)-2-acetamido-2-deoxy-beta-D-glucopyranose'
5 non-polymer N,N,N-trimethyl-2-oxo-2-(2-(pyridin-2-ylmethylene)hydrazineyl)ethan-1-aminium
6 non-polymer 'ZINC ION'
7 non-polymer 'SULFATE ION'
8 non-polymer 'CHLORIDE ION'
9 non-polymer 'MAGNESIUM ION'
10 water water
#
_entity_poly.entity_id   1
_entity_poly.type   'polypeptide(L)'
_entity_poly.pdbx_seq_one_letter_code
;EGREDAELLVTVRGGRLRGIRLKTPGGPVSAFLGIPFAEPPMGPRRFLPPEPKQPWSGVVDATTFQSVCYQYVDTLYPGF
EGTEMWNPNRELSEDCLYLNVWTPYPRPTSPTPVLVWIYGGGFYSGASSLDVYDGRFLVQAERTVLVSMNYRVGAFGFLA
LPGSREAPGNVGLLDQRLALQWVQENVAAFGGDPTSVTLFGESAGAASVGMHLLSPPSRGLFHRAVLQSGAPNGPWATVG
MGEARRRATQLAHLVGCPPGGTGGNDTELVACLRTRPAQVLVNHEWHVLPQESVFRFSFVPVVDGDFLSDTPEALINAGD
FHGLQVLVGVVKDEGSYFLVYGAPGFSKDNESLISRAEFLAGVRVGVPQVSDLAAEAVVLHYTDWLHPEDPARLREALSD
VVGDHNVVCPVAQLAGRLAAQGARVYAYVFEHRASTLSWPLWMGVPHGYEIEFIFGIPLDPSRNYTAEEKIFAQRLMRYW
ANFARTGDPNEPRDPKAPQWPPYTAGAQQYVSLDLRPLEVRRGLRAQACAFWNRFLPKLLSAT
;
_entity_poly.pdbx_strand_id   A,B
#
# COMPACT_ATOMS: atom_id res chain seq x y z
N ASP A 5 24.24 -0.62 -58.85
CA ASP A 5 24.38 0.72 -59.41
C ASP A 5 25.02 1.69 -58.40
N ALA A 6 25.28 2.92 -58.86
CA ALA A 6 25.95 3.97 -58.06
C ALA A 6 25.18 4.35 -56.81
N GLU A 7 23.90 3.97 -56.69
CA GLU A 7 23.17 4.21 -55.46
C GLU A 7 23.65 3.32 -54.32
N LEU A 8 24.12 2.12 -54.66
CA LEU A 8 24.60 1.13 -53.70
C LEU A 8 26.11 1.20 -53.47
N LEU A 9 26.77 2.24 -53.95
CA LEU A 9 28.21 2.39 -53.82
C LEU A 9 28.49 3.69 -53.08
N VAL A 10 29.02 3.57 -51.88
CA VAL A 10 29.25 4.72 -51.01
C VAL A 10 30.67 4.65 -50.47
N THR A 11 31.29 5.82 -50.28
CA THR A 11 32.61 5.92 -49.71
C THR A 11 32.52 6.68 -48.40
N VAL A 12 32.88 6.02 -47.31
CA VAL A 12 32.98 6.66 -46.00
C VAL A 12 34.45 6.93 -45.71
N ARG A 13 34.76 7.50 -44.54
CA ARG A 13 36.13 7.94 -44.28
C ARG A 13 37.13 6.81 -44.43
N GLY A 14 36.73 5.58 -44.06
CA GLY A 14 37.64 4.46 -44.15
C GLY A 14 37.75 3.74 -45.49
N GLY A 15 36.90 4.02 -46.48
CA GLY A 15 37.01 3.35 -47.77
C GLY A 15 35.65 3.11 -48.41
N ARG A 16 35.63 2.17 -49.37
CA ARG A 16 34.46 1.97 -50.23
C ARG A 16 33.55 0.87 -49.67
N LEU A 17 32.23 1.11 -49.76
CA LEU A 17 31.20 0.16 -49.36
C LEU A 17 30.36 -0.22 -50.56
N ARG A 18 29.86 -1.45 -50.55
CA ARG A 18 28.90 -1.93 -51.54
C ARG A 18 27.67 -2.48 -50.82
N GLY A 19 26.55 -1.78 -50.94
CA GLY A 19 25.33 -2.13 -50.25
C GLY A 19 24.40 -2.97 -51.09
N ILE A 20 23.15 -3.06 -50.63
CA ILE A 20 22.15 -3.94 -51.22
C ILE A 20 20.81 -3.22 -51.24
N ARG A 21 20.03 -3.46 -52.30
CA ARG A 21 18.67 -2.92 -52.40
C ARG A 21 17.69 -3.90 -51.77
N LEU A 22 16.93 -3.43 -50.79
CA LEU A 22 15.91 -4.24 -50.13
C LEU A 22 14.53 -3.79 -50.58
N LYS A 23 13.60 -4.73 -50.71
CA LYS A 23 12.25 -4.39 -51.13
C LYS A 23 11.31 -4.20 -49.93
N THR A 24 10.33 -3.32 -50.13
CA THR A 24 9.28 -2.94 -49.18
C THR A 24 8.02 -2.79 -50.03
N PRO A 25 6.87 -3.17 -49.49
CA PRO A 25 5.62 -2.92 -50.25
C PRO A 25 5.54 -1.50 -50.78
N GLY A 26 6.03 -0.52 -50.00
CA GLY A 26 6.08 0.85 -50.49
C GLY A 26 7.08 1.03 -51.62
N GLY A 27 8.23 0.38 -51.52
CA GLY A 27 9.24 0.51 -52.54
C GLY A 27 10.58 0.07 -52.00
N PRO A 28 11.64 0.26 -52.77
CA PRO A 28 12.96 -0.18 -52.34
C PRO A 28 13.65 0.77 -51.37
N VAL A 29 14.62 0.21 -50.66
CA VAL A 29 15.49 0.94 -49.74
C VAL A 29 16.93 0.48 -50.00
N SER A 30 17.88 1.39 -49.82
CA SER A 30 19.29 1.07 -49.93
C SER A 30 19.84 0.72 -48.55
N ALA A 31 20.51 -0.43 -48.43
CA ALA A 31 21.02 -0.93 -47.15
C ALA A 31 22.50 -1.26 -47.24
N PHE A 32 23.24 -0.87 -46.18
CA PHE A 32 24.67 -1.14 -46.04
C PHE A 32 24.86 -1.87 -44.70
N LEU A 33 25.05 -3.18 -44.76
CA LEU A 33 24.97 -4.06 -43.61
C LEU A 33 26.36 -4.56 -43.21
N GLY A 34 26.70 -4.44 -41.93
CA GLY A 34 27.98 -4.94 -41.48
C GLY A 34 29.18 -4.08 -41.85
N ILE A 35 29.05 -2.77 -41.76
CA ILE A 35 30.15 -1.84 -41.91
C ILE A 35 31.06 -1.94 -40.69
N PRO A 36 32.34 -2.29 -40.83
CA PRO A 36 33.23 -2.33 -39.67
C PRO A 36 33.43 -0.95 -39.06
N PHE A 37 33.28 -0.83 -37.75
CA PHE A 37 33.52 0.45 -37.10
C PHE A 37 34.60 0.39 -36.01
N ALA A 38 35.12 -0.77 -35.68
CA ALA A 38 36.23 -0.86 -34.75
C ALA A 38 37.13 -1.99 -35.24
N GLU A 39 38.42 -1.87 -34.97
CA GLU A 39 39.32 -2.99 -35.16
C GLU A 39 38.85 -4.15 -34.27
N PRO A 40 38.82 -5.37 -34.79
CA PRO A 40 38.23 -6.52 -34.04
C PRO A 40 38.85 -6.65 -32.67
N PRO A 41 38.02 -6.63 -31.58
CA PRO A 41 38.51 -6.65 -30.19
C PRO A 41 38.94 -8.05 -29.75
N MET A 42 40.02 -8.52 -30.34
CA MET A 42 40.41 -9.90 -30.18
C MET A 42 41.78 -9.99 -29.56
N GLY A 43 42.04 -11.14 -28.96
CA GLY A 43 43.32 -11.41 -28.35
C GLY A 43 43.60 -10.42 -27.25
N PRO A 44 44.65 -9.61 -27.45
CA PRO A 44 45.01 -8.61 -26.44
C PRO A 44 44.02 -7.48 -26.35
N ARG A 45 43.14 -7.31 -27.33
CA ARG A 45 42.12 -6.28 -27.25
C ARG A 45 40.80 -6.76 -26.62
N ARG A 46 40.72 -8.00 -26.15
CA ARG A 46 39.56 -8.43 -25.36
C ARG A 46 39.55 -7.66 -24.05
N PHE A 47 38.35 -7.23 -23.64
CA PHE A 47 38.05 -6.46 -22.44
C PHE A 47 38.50 -5.00 -22.56
N LEU A 48 39.07 -4.58 -23.72
CA LEU A 48 39.60 -3.24 -23.87
C LEU A 48 38.63 -2.36 -24.62
N PRO A 49 38.72 -1.05 -24.40
CA PRO A 49 37.93 -0.13 -25.19
C PRO A 49 38.22 -0.31 -26.66
N PRO A 50 37.25 -0.06 -27.53
CA PRO A 50 37.42 -0.40 -28.94
C PRO A 50 38.32 0.58 -29.65
N GLU A 51 39.11 0.08 -30.59
CA GLU A 51 39.89 1.01 -31.40
C GLU A 51 39.15 1.30 -32.70
N PRO A 52 39.13 2.56 -33.13
CA PRO A 52 38.56 2.90 -34.45
C PRO A 52 39.15 2.08 -35.60
N LYS A 53 38.25 1.65 -36.50
CA LYS A 53 38.66 0.83 -37.64
C LYS A 53 39.54 1.66 -38.57
N GLN A 54 40.63 1.09 -39.00
CA GLN A 54 41.52 1.84 -39.86
C GLN A 54 41.11 1.65 -41.31
N PRO A 55 41.53 2.55 -42.20
CA PRO A 55 41.07 2.49 -43.59
C PRO A 55 41.54 1.22 -44.28
N TRP A 56 40.69 0.74 -45.20
CA TRP A 56 40.89 -0.53 -45.87
C TRP A 56 41.00 -0.30 -47.36
N SER A 57 41.71 -1.21 -48.01
CA SER A 57 41.81 -1.21 -49.46
C SER A 57 40.61 -1.93 -50.06
N GLY A 58 40.21 -1.49 -51.23
CA GLY A 58 39.12 -2.14 -51.92
C GLY A 58 37.76 -1.77 -51.38
N VAL A 59 36.80 -2.67 -51.66
CA VAL A 59 35.39 -2.44 -51.40
C VAL A 59 34.92 -3.47 -50.39
N VAL A 60 34.45 -2.98 -49.24
CA VAL A 60 33.82 -3.82 -48.22
C VAL A 60 32.44 -4.27 -48.70
N ASP A 61 32.14 -5.54 -48.49
CA ASP A 61 30.84 -6.10 -48.86
C ASP A 61 29.81 -5.89 -47.75
N ALA A 62 29.06 -4.80 -47.86
CA ALA A 62 28.00 -4.51 -46.91
C ALA A 62 26.64 -5.01 -47.37
N THR A 63 26.56 -6.21 -47.93
CA THR A 63 25.29 -6.74 -48.42
C THR A 63 24.61 -7.67 -47.42
N THR A 64 25.17 -7.85 -46.23
CA THR A 64 24.61 -8.83 -45.30
C THR A 64 25.11 -8.54 -43.90
N PHE A 65 24.31 -8.93 -42.91
CA PHE A 65 24.65 -8.71 -41.52
C PHE A 65 25.89 -9.48 -41.15
N GLN A 66 26.78 -8.81 -40.43
CA GLN A 66 27.99 -9.41 -39.89
C GLN A 66 27.66 -10.29 -38.67
N SER A 67 28.67 -10.76 -37.96
CA SER A 67 28.50 -11.73 -36.89
C SER A 67 27.92 -11.13 -35.61
N VAL A 68 27.44 -12.01 -34.74
CA VAL A 68 26.84 -11.71 -33.43
C VAL A 68 27.93 -11.79 -32.37
N CYS A 69 27.95 -10.87 -31.42
CA CYS A 69 28.92 -11.02 -30.33
C CYS A 69 28.61 -12.23 -29.44
N TYR A 70 29.68 -12.91 -28.97
CA TYR A 70 29.54 -14.14 -28.18
C TYR A 70 28.59 -13.93 -27.01
N GLN A 71 27.72 -14.93 -26.79
CA GLN A 71 26.67 -14.88 -25.77
C GLN A 71 26.07 -16.27 -25.61
N TYR A 72 25.46 -16.52 -24.45
CA TYR A 72 24.71 -17.73 -24.25
C TYR A 72 23.49 -17.76 -25.17
N VAL A 73 23.29 -18.87 -25.86
CA VAL A 73 22.10 -19.04 -26.69
C VAL A 73 21.07 -19.80 -25.89
N ASP A 74 19.95 -19.12 -25.64
CA ASP A 74 18.86 -19.66 -24.83
C ASP A 74 18.33 -20.99 -25.38
N THR A 75 18.19 -22.00 -24.51
CA THR A 75 17.62 -23.27 -24.97
C THR A 75 16.46 -23.72 -24.09
N LEU A 76 15.74 -22.76 -23.49
CA LEU A 76 14.64 -23.10 -22.60
C LEU A 76 13.52 -23.82 -23.34
N TYR A 77 13.08 -23.25 -24.47
CA TYR A 77 12.04 -23.84 -25.32
C TYR A 77 12.65 -23.93 -26.71
N PRO A 78 13.31 -25.04 -27.03
CA PRO A 78 13.97 -25.15 -28.34
C PRO A 78 12.95 -25.25 -29.47
N GLY A 79 13.22 -24.53 -30.56
CA GLY A 79 12.36 -24.49 -31.72
C GLY A 79 11.13 -23.61 -31.58
N PHE A 80 10.93 -22.97 -30.44
CA PHE A 80 9.77 -22.13 -30.17
C PHE A 80 10.08 -20.73 -30.66
N GLU A 81 9.22 -20.18 -31.54
CA GLU A 81 9.53 -18.88 -32.14
C GLU A 81 9.57 -17.75 -31.11
N GLY A 82 8.81 -17.88 -30.02
CA GLY A 82 8.84 -16.86 -28.98
C GLY A 82 10.22 -16.63 -28.41
N THR A 83 11.04 -17.67 -28.35
CA THR A 83 12.43 -17.55 -27.92
C THR A 83 13.41 -17.48 -29.09
N GLU A 84 13.12 -18.17 -30.20
CA GLU A 84 14.04 -18.24 -31.33
C GLU A 84 14.21 -16.90 -32.03
N MET A 85 13.13 -16.12 -32.16
CA MET A 85 13.23 -14.81 -32.81
C MET A 85 14.27 -13.91 -32.17
N TRP A 86 14.64 -14.17 -30.92
CA TRP A 86 15.61 -13.35 -30.23
C TRP A 86 17.00 -13.96 -30.21
N ASN A 87 17.15 -15.21 -30.64
CA ASN A 87 18.44 -15.88 -30.59
C ASN A 87 19.33 -15.43 -31.74
N PRO A 88 20.64 -15.67 -31.64
CA PRO A 88 21.57 -15.24 -32.71
C PRO A 88 21.19 -15.86 -34.04
N ASN A 89 21.23 -15.04 -35.10
CA ASN A 89 20.92 -15.52 -36.44
C ASN A 89 22.13 -15.38 -37.37
N ARG A 90 23.32 -15.12 -36.83
CA ARG A 90 24.60 -15.20 -37.54
C ARG A 90 25.56 -16.04 -36.70
N GLU A 91 26.73 -16.36 -37.25
CA GLU A 91 27.76 -17.00 -36.43
C GLU A 91 28.11 -16.12 -35.24
N LEU A 92 28.47 -16.74 -34.11
CA LEU A 92 29.04 -15.97 -33.01
C LEU A 92 30.50 -15.64 -33.30
N SER A 93 30.91 -14.42 -32.95
CA SER A 93 32.32 -14.10 -33.15
C SER A 93 32.70 -12.98 -32.21
N GLU A 94 33.93 -13.02 -31.68
CA GLU A 94 34.45 -11.81 -31.04
C GLU A 94 34.71 -10.71 -32.07
N ASP A 95 34.83 -11.06 -33.35
CA ASP A 95 34.91 -10.10 -34.44
C ASP A 95 33.49 -9.67 -34.84
N CYS A 96 32.91 -8.75 -34.06
CA CYS A 96 31.50 -8.44 -34.22
C CYS A 96 31.16 -6.96 -34.25
N LEU A 97 32.14 -6.05 -34.10
CA LEU A 97 31.88 -4.61 -34.03
C LEU A 97 31.60 -4.05 -35.42
N TYR A 98 30.36 -4.26 -35.85
CA TYR A 98 29.88 -3.83 -37.16
C TYR A 98 28.60 -3.06 -36.94
N LEU A 99 28.35 -2.07 -37.81
CA LEU A 99 27.12 -1.31 -37.79
C LEU A 99 26.45 -1.43 -39.16
N ASN A 100 25.16 -1.06 -39.18
CA ASN A 100 24.28 -1.17 -40.33
C ASN A 100 23.61 0.17 -40.57
N VAL A 101 23.41 0.51 -41.84
CA VAL A 101 22.76 1.76 -42.24
C VAL A 101 21.68 1.46 -43.27
N TRP A 102 20.45 1.93 -43.00
CA TRP A 102 19.38 1.96 -43.98
C TRP A 102 19.09 3.42 -44.36
N THR A 103 18.80 3.63 -45.65
CA THR A 103 18.61 4.96 -46.19
C THR A 103 17.70 4.86 -47.41
N PRO A 104 16.87 5.88 -47.68
CA PRO A 104 15.90 5.78 -48.78
C PRO A 104 16.56 5.57 -50.14
N TYR A 105 15.82 4.95 -51.07
CA TYR A 105 16.48 4.56 -52.31
C TYR A 105 16.71 5.76 -53.24
N PRO A 106 15.73 6.62 -53.47
CA PRO A 106 16.12 7.97 -53.91
C PRO A 106 16.89 8.61 -52.77
N ARG A 107 18.20 8.44 -52.73
CA ARG A 107 18.94 8.82 -51.54
C ARG A 107 18.71 10.30 -51.25
N PRO A 108 18.30 10.67 -50.03
CA PRO A 108 17.90 12.05 -49.76
C PRO A 108 18.91 13.09 -50.21
N THR A 109 18.49 13.96 -51.13
CA THR A 109 19.34 15.07 -51.53
C THR A 109 19.51 16.09 -50.41
N SER A 110 18.45 16.32 -49.59
CA SER A 110 18.58 17.10 -48.36
C SER A 110 18.95 16.18 -47.19
N PRO A 111 19.48 16.74 -46.10
CA PRO A 111 19.88 15.91 -44.95
C PRO A 111 18.69 15.45 -44.13
N THR A 112 18.46 14.10 -44.10
CA THR A 112 17.31 13.61 -43.33
C THR A 112 17.73 13.15 -41.95
N PRO A 113 16.84 13.26 -40.96
CA PRO A 113 17.21 12.92 -39.58
C PRO A 113 17.43 11.42 -39.41
N VAL A 114 18.16 11.09 -38.34
CA VAL A 114 18.77 9.78 -38.14
C VAL A 114 18.26 9.17 -36.84
N LEU A 115 17.71 7.97 -36.94
CA LEU A 115 17.43 7.15 -35.78
C LEU A 115 18.58 6.18 -35.60
N VAL A 116 19.08 6.04 -34.37
CA VAL A 116 20.11 5.07 -34.05
C VAL A 116 19.55 4.13 -32.99
N TRP A 117 19.50 2.84 -33.32
CA TRP A 117 18.88 1.84 -32.48
C TRP A 117 19.93 1.04 -31.72
N ILE A 118 19.76 0.93 -30.40
CA ILE A 118 20.62 0.11 -29.55
C ILE A 118 19.79 -1.05 -29.00
N TYR A 119 20.08 -2.28 -29.46
CA TYR A 119 19.27 -3.44 -29.04
C TYR A 119 19.45 -3.70 -27.54
N GLY A 120 18.43 -4.33 -26.95
CA GLY A 120 18.47 -4.74 -25.56
C GLY A 120 18.71 -6.24 -25.40
N GLY A 121 18.48 -6.72 -24.18
CA GLY A 121 18.78 -8.10 -23.88
C GLY A 121 19.51 -8.27 -22.57
N GLY A 122 19.18 -7.41 -21.62
CA GLY A 122 19.79 -7.44 -20.31
C GLY A 122 21.30 -7.45 -20.21
N PHE A 123 22.01 -6.88 -21.20
CA PHE A 123 23.47 -6.80 -21.25
C PHE A 123 24.14 -8.16 -21.40
N TYR A 124 23.36 -9.23 -21.53
CA TYR A 124 23.90 -10.58 -21.65
C TYR A 124 23.57 -11.23 -23.00
N SER A 125 22.78 -10.57 -23.85
CA SER A 125 22.36 -11.12 -25.13
C SER A 125 22.09 -10.00 -26.12
N GLY A 126 21.82 -10.36 -27.38
CA GLY A 126 21.32 -9.37 -28.31
C GLY A 126 22.09 -9.28 -29.60
N ALA A 127 21.52 -8.72 -30.66
CA ALA A 127 22.16 -8.66 -31.97
C ALA A 127 21.39 -7.68 -32.85
N SER A 128 22.11 -6.90 -33.64
CA SER A 128 21.41 -5.99 -34.53
C SER A 128 20.78 -6.73 -35.72
N SER A 129 21.17 -7.98 -35.98
CA SER A 129 20.65 -8.71 -37.14
C SER A 129 19.34 -9.46 -36.86
N LEU A 130 18.78 -9.33 -35.66
CA LEU A 130 17.48 -9.91 -35.37
C LEU A 130 16.44 -9.35 -36.33
N ASP A 131 15.51 -10.20 -36.77
CA ASP A 131 14.59 -9.81 -37.84
C ASP A 131 13.67 -8.66 -37.43
N VAL A 132 13.31 -8.59 -36.15
CA VAL A 132 12.41 -7.54 -35.68
C VAL A 132 13.10 -6.18 -35.60
N TYR A 133 14.38 -6.11 -35.97
CA TYR A 133 15.04 -4.83 -36.00
C TYR A 133 15.30 -4.33 -37.41
N ASP A 134 14.69 -4.94 -38.43
CA ASP A 134 14.95 -4.56 -39.81
C ASP A 134 14.57 -3.11 -40.02
N GLY A 135 15.55 -2.27 -40.34
CA GLY A 135 15.23 -0.87 -40.50
C GLY A 135 14.47 -0.47 -41.76
N ARG A 136 14.20 -1.41 -42.65
CA ARG A 136 13.80 -1.02 -44.00
C ARG A 136 12.44 -0.35 -44.05
N PHE A 137 11.52 -0.71 -43.13
CA PHE A 137 10.15 -0.19 -43.18
C PHE A 137 10.07 1.20 -42.59
N LEU A 138 10.68 1.37 -41.42
CA LEU A 138 10.80 2.69 -40.80
C LEU A 138 11.42 3.71 -41.75
N VAL A 139 12.47 3.31 -42.49
CA VAL A 139 13.09 4.21 -43.45
C VAL A 139 12.16 4.49 -44.62
N GLN A 140 11.62 3.44 -45.24
CA GLN A 140 10.83 3.64 -46.44
C GLN A 140 9.55 4.38 -46.14
N ALA A 141 9.00 4.17 -44.94
CA ALA A 141 7.73 4.78 -44.56
C ALA A 141 7.89 6.25 -44.17
N GLU A 142 8.93 6.59 -43.41
CA GLU A 142 9.08 7.93 -42.84
C GLU A 142 10.30 8.68 -43.34
N ARG A 143 11.04 8.15 -44.31
CA ARG A 143 12.20 8.81 -44.91
C ARG A 143 13.13 9.44 -43.88
N THR A 144 13.52 8.64 -42.89
CA THR A 144 14.67 8.94 -42.05
C THR A 144 15.81 7.98 -42.40
N VAL A 145 16.98 8.21 -41.83
CA VAL A 145 18.07 7.26 -41.91
C VAL A 145 18.12 6.48 -40.60
N LEU A 146 18.33 5.18 -40.70
CA LEU A 146 18.35 4.30 -39.53
C LEU A 146 19.69 3.57 -39.45
N VAL A 147 20.32 3.65 -38.28
CA VAL A 147 21.61 3.04 -38.02
C VAL A 147 21.47 2.15 -36.82
N SER A 148 22.12 0.98 -36.84
CA SER A 148 22.17 0.18 -35.64
C SER A 148 23.51 -0.54 -35.58
N MET A 149 23.99 -0.76 -34.36
CA MET A 149 25.33 -1.30 -34.18
C MET A 149 25.29 -2.55 -33.31
N ASN A 150 26.30 -3.41 -33.45
CA ASN A 150 26.58 -4.41 -32.44
C ASN A 150 27.47 -3.81 -31.38
N TYR A 151 27.30 -4.26 -30.14
CA TYR A 151 28.21 -3.91 -29.07
C TYR A 151 28.43 -5.17 -28.21
N ARG A 152 29.63 -5.30 -27.65
CA ARG A 152 29.95 -6.47 -26.86
C ARG A 152 29.02 -6.61 -25.64
N VAL A 153 28.54 -7.83 -25.42
CA VAL A 153 27.71 -8.14 -24.25
C VAL A 153 28.44 -9.11 -23.34
N GLY A 154 27.86 -9.41 -22.20
CA GLY A 154 28.48 -10.42 -21.36
C GLY A 154 29.79 -9.94 -20.79
N ALA A 155 30.66 -10.90 -20.45
CA ALA A 155 31.97 -10.55 -19.91
C ALA A 155 32.80 -9.78 -20.92
N PHE A 156 32.64 -10.11 -22.20
CA PHE A 156 33.38 -9.43 -23.26
C PHE A 156 33.11 -7.94 -23.26
N GLY A 157 31.88 -7.55 -22.91
CA GLY A 157 31.54 -6.15 -22.93
C GLY A 157 31.66 -5.47 -21.58
N PHE A 158 31.65 -6.24 -20.49
CA PHE A 158 31.43 -5.59 -19.20
C PHE A 158 32.19 -6.19 -18.03
N LEU A 159 33.07 -7.15 -18.25
CA LEU A 159 33.98 -7.53 -17.17
C LEU A 159 34.86 -6.34 -16.81
N ALA A 160 35.04 -6.12 -15.51
CA ALA A 160 35.82 -4.97 -15.08
C ALA A 160 36.59 -5.33 -13.84
N LEU A 161 37.86 -4.96 -13.83
CA LEU A 161 38.67 -4.94 -12.62
C LEU A 161 38.88 -3.46 -12.38
N PRO A 162 37.96 -2.79 -11.68
CA PRO A 162 38.11 -1.35 -11.51
C PRO A 162 39.48 -1.04 -10.93
N GLY A 163 40.15 -0.07 -11.56
CA GLY A 163 41.53 0.19 -11.28
C GLY A 163 42.35 -0.03 -12.52
N SER A 164 42.49 -1.29 -12.93
CA SER A 164 43.42 -1.65 -14.00
C SER A 164 43.04 -1.00 -15.32
N ARG A 165 44.05 -0.85 -16.18
CA ARG A 165 43.86 -0.38 -17.54
C ARG A 165 43.64 -1.53 -18.51
N GLU A 166 43.72 -2.77 -18.01
CA GLU A 166 43.54 -3.95 -18.83
C GLU A 166 42.06 -4.38 -18.92
N ALA A 167 41.30 -4.28 -17.83
CA ALA A 167 39.85 -4.51 -17.84
C ALA A 167 39.16 -3.32 -17.19
N PRO A 168 39.04 -2.21 -17.92
CA PRO A 168 38.51 -0.98 -17.32
C PRO A 168 37.02 -0.99 -17.03
N GLY A 169 36.21 -1.70 -17.81
CA GLY A 169 34.78 -1.71 -17.61
C GLY A 169 34.06 -0.92 -18.69
N ASN A 170 32.75 -1.16 -18.79
CA ASN A 170 31.85 -0.43 -19.67
C ASN A 170 32.32 -0.39 -21.12
N VAL A 171 33.17 -1.32 -21.56
CA VAL A 171 33.63 -1.22 -22.94
C VAL A 171 32.52 -1.56 -23.93
N GLY A 172 31.46 -2.26 -23.50
CA GLY A 172 30.30 -2.40 -24.36
C GLY A 172 29.61 -1.07 -24.59
N LEU A 173 29.57 -0.23 -23.54
CA LEU A 173 29.07 1.12 -23.71
C LEU A 173 29.97 1.93 -24.62
N LEU A 174 31.29 1.78 -24.46
CA LEU A 174 32.20 2.50 -25.35
C LEU A 174 32.06 2.01 -26.79
N ASP A 175 31.77 0.72 -27.01
CA ASP A 175 31.43 0.23 -28.34
C ASP A 175 30.32 1.07 -28.97
N GLN A 176 29.25 1.34 -28.22
CA GLN A 176 28.14 2.17 -28.70
C GLN A 176 28.62 3.59 -28.99
N ARG A 177 29.34 4.19 -28.03
CA ARG A 177 29.80 5.56 -28.23
C ARG A 177 30.65 5.68 -29.49
N LEU A 178 31.55 4.72 -29.73
CA LEU A 178 32.35 4.72 -30.95
C LEU A 178 31.48 4.70 -32.20
N ALA A 179 30.42 3.89 -32.21
CA ALA A 179 29.54 3.88 -33.37
C ALA A 179 28.81 5.20 -33.52
N LEU A 180 28.53 5.90 -32.43
CA LEU A 180 27.91 7.21 -32.57
C LEU A 180 28.89 8.22 -33.16
N GLN A 181 30.15 8.17 -32.70
CA GLN A 181 31.24 8.90 -33.35
C GLN A 181 31.30 8.57 -34.84
N TRP A 182 31.10 7.30 -35.18
CA TRP A 182 31.07 6.94 -36.59
C TRP A 182 29.91 7.59 -37.31
N VAL A 183 28.72 7.59 -36.70
CA VAL A 183 27.56 8.25 -37.32
C VAL A 183 27.86 9.72 -37.56
N GLN A 184 28.37 10.41 -36.54
CA GLN A 184 28.78 11.81 -36.69
C GLN A 184 29.59 12.03 -37.96
N GLU A 185 30.54 11.13 -38.22
CA GLU A 185 31.51 11.32 -39.28
C GLU A 185 31.01 10.86 -40.64
N ASN A 186 30.24 9.79 -40.69
CA ASN A 186 29.92 9.20 -41.98
C ASN A 186 28.43 9.20 -42.34
N VAL A 187 27.52 9.51 -41.41
CA VAL A 187 26.11 9.37 -41.74
C VAL A 187 25.74 10.26 -42.93
N ALA A 188 26.43 11.41 -43.07
CA ALA A 188 26.10 12.33 -44.14
C ALA A 188 26.40 11.77 -45.53
N ALA A 189 27.27 10.76 -45.64
CA ALA A 189 27.50 10.08 -46.91
C ALA A 189 26.29 9.29 -47.40
N PHE A 190 25.30 9.05 -46.53
CA PHE A 190 24.11 8.28 -46.88
C PHE A 190 22.86 9.13 -46.90
N GLY A 191 23.00 10.44 -46.78
CA GLY A 191 21.89 11.34 -46.70
C GLY A 191 21.53 11.78 -45.30
N GLY A 192 22.17 11.19 -44.29
CA GLY A 192 21.80 11.48 -42.93
C GLY A 192 22.27 12.86 -42.48
N ASP A 193 21.57 13.37 -41.48
CA ASP A 193 21.88 14.68 -40.90
C ASP A 193 22.56 14.52 -39.56
N PRO A 194 23.88 14.73 -39.46
CA PRO A 194 24.57 14.55 -38.19
C PRO A 194 24.01 15.39 -37.08
N THR A 195 23.23 16.40 -37.41
CA THR A 195 22.73 17.30 -36.38
C THR A 195 21.34 16.94 -35.90
N SER A 196 20.73 15.87 -36.44
CA SER A 196 19.48 15.32 -35.90
C SER A 196 19.62 13.82 -35.72
N VAL A 197 20.23 13.42 -34.61
CA VAL A 197 20.52 12.02 -34.33
C VAL A 197 19.73 11.64 -33.08
N THR A 198 18.74 10.78 -33.23
CA THR A 198 17.88 10.37 -32.12
C THR A 198 18.23 8.94 -31.71
N LEU A 199 18.62 8.77 -30.46
CA LEU A 199 18.90 7.44 -29.91
C LEU A 199 17.63 6.73 -29.46
N PHE A 200 17.43 5.51 -29.91
CA PHE A 200 16.37 4.72 -29.29
C PHE A 200 16.83 3.29 -29.04
N GLY A 201 16.26 2.70 -27.99
CA GLY A 201 16.58 1.34 -27.61
C GLY A 201 15.61 0.82 -26.59
N GLU A 202 15.60 -0.51 -26.46
CA GLU A 202 14.70 -1.24 -25.58
C GLU A 202 15.53 -2.05 -24.60
N SER A 203 14.96 -2.32 -23.42
CA SER A 203 15.57 -3.16 -22.37
C SER A 203 16.97 -2.62 -22.04
N ALA A 204 18.02 -3.44 -22.07
CA ALA A 204 19.37 -2.93 -21.81
C ALA A 204 19.78 -1.88 -22.83
N GLY A 205 19.22 -1.92 -24.03
CA GLY A 205 19.45 -0.83 -24.97
C GLY A 205 18.94 0.51 -24.44
N ALA A 206 17.76 0.51 -23.82
CA ALA A 206 17.22 1.73 -23.22
C ALA A 206 18.03 2.17 -22.01
N ALA A 207 18.43 1.22 -21.16
CA ALA A 207 19.35 1.58 -20.09
C ALA A 207 20.63 2.19 -20.67
N SER A 208 21.11 1.63 -21.79
CA SER A 208 22.28 2.18 -22.46
C SER A 208 22.04 3.63 -22.87
N VAL A 209 20.93 3.89 -23.59
CA VAL A 209 20.56 5.27 -23.94
C VAL A 209 20.58 6.15 -22.70
N GLY A 210 20.11 5.62 -21.57
CA GLY A 210 20.12 6.38 -20.34
C GLY A 210 21.51 6.78 -19.87
N MET A 211 22.51 5.94 -20.14
CA MET A 211 23.83 6.25 -19.62
C MET A 211 24.56 7.22 -20.53
N HIS A 212 24.34 7.13 -21.83
CA HIS A 212 24.85 8.14 -22.71
C HIS A 212 24.30 9.52 -22.33
N LEU A 213 23.04 9.58 -21.85
CA LEU A 213 22.45 10.84 -21.38
C LEU A 213 23.17 11.38 -20.15
N LEU A 214 23.75 10.50 -19.35
CA LEU A 214 24.44 10.88 -18.13
C LEU A 214 25.96 10.93 -18.31
N SER A 215 26.47 10.57 -19.47
CA SER A 215 27.91 10.50 -19.67
C SER A 215 28.33 11.60 -20.63
N PRO A 216 28.92 12.69 -20.13
CA PRO A 216 29.12 13.89 -20.93
C PRO A 216 29.81 13.63 -22.27
N PRO A 217 30.84 12.77 -22.34
CA PRO A 217 31.46 12.52 -23.66
C PRO A 217 30.51 11.94 -24.71
N SER A 218 29.36 11.40 -24.32
CA SER A 218 28.38 10.89 -25.27
C SER A 218 27.28 11.91 -25.56
N ARG A 219 26.98 12.75 -24.58
CA ARG A 219 25.87 13.68 -24.71
CA ARG A 219 25.92 13.75 -24.68
C ARG A 219 26.02 14.59 -25.94
N GLY A 220 27.22 14.74 -26.49
CA GLY A 220 27.34 15.49 -27.72
C GLY A 220 27.16 14.73 -29.02
N LEU A 221 26.77 13.46 -28.98
CA LEU A 221 26.72 12.65 -30.20
C LEU A 221 25.30 12.32 -30.64
N PHE A 222 24.30 12.96 -30.03
CA PHE A 222 22.89 12.70 -30.28
C PHE A 222 22.12 13.81 -29.58
N HIS A 223 20.83 13.93 -29.93
CA HIS A 223 20.09 15.13 -29.54
C HIS A 223 18.76 14.83 -28.86
N ARG A 224 18.14 13.71 -29.22
CA ARG A 224 16.93 13.21 -28.59
C ARG A 224 17.13 11.74 -28.25
N ALA A 225 16.33 11.26 -27.29
CA ALA A 225 16.50 9.93 -26.73
C ALA A 225 15.14 9.27 -26.49
N VAL A 226 15.03 8.01 -26.89
CA VAL A 226 13.83 7.20 -26.63
C VAL A 226 14.24 6.00 -25.78
N LEU A 227 13.58 5.83 -24.63
CA LEU A 227 13.87 4.71 -23.74
C LEU A 227 12.60 3.87 -23.65
N GLN A 228 12.72 2.60 -24.02
CA GLN A 228 11.59 1.67 -24.07
C GLN A 228 11.87 0.51 -23.12
N SER A 229 11.13 0.41 -22.01
CA SER A 229 11.23 -0.73 -21.09
C SER A 229 12.64 -0.90 -20.51
N GLY A 230 13.30 0.21 -20.23
CA GLY A 230 14.59 0.17 -19.58
C GLY A 230 14.96 1.53 -19.02
N ALA A 231 15.77 1.52 -17.97
CA ALA A 231 16.23 2.77 -17.44
C ALA A 231 17.59 2.50 -16.82
N PRO A 232 18.53 3.44 -16.93
CA PRO A 232 19.87 3.21 -16.35
C PRO A 232 19.84 3.13 -14.82
N ASN A 233 18.82 3.66 -14.18
CA ASN A 233 18.71 3.60 -12.72
C ASN A 233 18.05 2.33 -12.22
N GLY A 234 17.69 1.40 -13.10
CA GLY A 234 17.12 0.12 -12.71
C GLY A 234 18.00 -0.75 -11.84
N PRO A 235 17.40 -1.60 -10.98
CA PRO A 235 18.21 -2.38 -10.04
C PRO A 235 19.16 -3.37 -10.71
N TRP A 236 18.98 -3.65 -12.00
CA TRP A 236 19.74 -4.67 -12.68
C TRP A 236 20.81 -4.13 -13.62
N ALA A 237 20.91 -2.81 -13.77
CA ALA A 237 21.68 -2.28 -14.89
C ALA A 237 23.05 -1.74 -14.50
N THR A 238 23.34 -1.55 -13.22
CA THR A 238 24.69 -1.18 -12.85
C THR A 238 25.16 -2.02 -11.67
N VAL A 239 26.47 -2.02 -11.48
CA VAL A 239 27.10 -2.76 -10.41
C VAL A 239 28.19 -1.86 -9.84
N GLY A 240 28.50 -2.04 -8.56
CA GLY A 240 29.57 -1.28 -7.94
C GLY A 240 30.93 -1.82 -8.34
N MET A 241 31.98 -1.08 -8.00
CA MET A 241 33.32 -1.51 -8.37
C MET A 241 33.74 -2.74 -7.59
N GLY A 242 33.67 -2.66 -6.26
CA GLY A 242 34.11 -3.78 -5.44
C GLY A 242 33.39 -5.06 -5.81
N GLU A 243 32.12 -4.94 -6.20
CA GLU A 243 31.38 -6.11 -6.67
C GLU A 243 31.81 -6.55 -8.06
N ALA A 244 32.06 -5.60 -8.96
CA ALA A 244 32.58 -5.94 -10.28
C ALA A 244 33.89 -6.73 -10.17
N ARG A 245 34.70 -6.42 -9.17
CA ARG A 245 35.95 -7.17 -8.99
C ARG A 245 35.66 -8.60 -8.60
N ARG A 246 34.79 -8.77 -7.59
CA ARG A 246 34.47 -10.10 -7.11
C ARG A 246 33.95 -10.95 -8.25
N ARG A 247 33.09 -10.38 -9.10
CA ARG A 247 32.53 -11.17 -10.18
C ARG A 247 33.60 -11.53 -11.21
N ALA A 248 34.51 -10.61 -11.54
CA ALA A 248 35.60 -10.93 -12.46
C ALA A 248 36.52 -11.99 -11.87
N THR A 249 36.97 -11.77 -10.64
CA THR A 249 37.84 -12.73 -9.97
C THR A 249 37.15 -14.09 -9.83
N GLN A 250 35.82 -14.10 -9.79
CA GLN A 250 35.14 -15.38 -9.66
C GLN A 250 35.07 -16.10 -11.00
N LEU A 251 34.69 -15.40 -12.07
CA LEU A 251 34.73 -16.02 -13.39
C LEU A 251 36.10 -16.61 -13.65
N ALA A 252 37.14 -15.90 -13.25
CA ALA A 252 38.50 -16.39 -13.44
C ALA A 252 38.73 -17.70 -12.71
N HIS A 253 38.33 -17.77 -11.45
CA HIS A 253 38.47 -19.03 -10.71
C HIS A 253 37.68 -20.15 -11.37
N LEU A 254 36.50 -19.83 -11.92
CA LEU A 254 35.67 -20.85 -12.53
C LEU A 254 36.35 -21.43 -13.76
N VAL A 255 37.06 -20.59 -14.51
CA VAL A 255 37.70 -20.94 -15.76
C VAL A 255 39.13 -21.41 -15.51
N GLY A 256 39.52 -21.49 -14.24
CA GLY A 256 40.82 -22.01 -13.84
C GLY A 256 41.94 -21.01 -14.01
N CYS A 257 41.77 -19.81 -13.51
CA CYS A 257 42.74 -18.74 -13.74
C CYS A 257 43.34 -18.24 -12.43
N PRO A 258 44.55 -18.73 -12.06
CA PRO A 258 45.41 -18.27 -10.96
C PRO A 258 45.64 -16.77 -11.03
N ASN A 265 47.59 -11.09 -9.37
CA ASN A 265 47.32 -9.66 -9.34
C ASN A 265 46.41 -9.40 -10.54
N ASP A 266 46.08 -8.13 -10.82
CA ASP A 266 45.06 -7.84 -11.83
C ASP A 266 45.57 -8.03 -13.24
N THR A 267 46.77 -7.53 -13.55
CA THR A 267 47.27 -7.68 -14.92
C THR A 267 47.42 -9.16 -15.26
N GLU A 268 47.86 -9.94 -14.27
CA GLU A 268 48.00 -11.39 -14.40
C GLU A 268 46.64 -12.07 -14.55
N LEU A 269 45.61 -11.57 -13.86
CA LEU A 269 44.27 -12.15 -13.98
C LEU A 269 43.75 -12.04 -15.42
N VAL A 270 43.84 -10.85 -16.02
CA VAL A 270 43.25 -10.62 -17.33
C VAL A 270 44.02 -11.37 -18.38
N ALA A 271 45.32 -11.58 -18.16
CA ALA A 271 46.11 -12.20 -19.20
C ALA A 271 45.71 -13.65 -19.35
N CYS A 272 45.38 -14.30 -18.22
CA CYS A 272 44.89 -15.68 -18.21
C CYS A 272 43.53 -15.80 -18.86
N LEU A 273 42.59 -14.93 -18.47
CA LEU A 273 41.28 -14.91 -19.13
C LEU A 273 41.41 -14.74 -20.65
N ARG A 274 42.39 -13.95 -21.09
CA ARG A 274 42.52 -13.70 -22.52
C ARG A 274 42.95 -14.94 -23.28
N THR A 275 43.45 -15.97 -22.58
CA THR A 275 43.94 -17.17 -23.23
C THR A 275 42.86 -18.22 -23.39
N ARG A 276 41.64 -17.94 -22.92
CA ARG A 276 40.52 -18.88 -22.93
C ARG A 276 39.65 -18.63 -24.16
N PRO A 277 39.36 -19.69 -24.93
CA PRO A 277 38.40 -19.58 -26.04
C PRO A 277 37.17 -18.81 -25.61
N ALA A 278 36.62 -17.97 -26.48
CA ALA A 278 35.46 -17.19 -26.08
C ALA A 278 34.34 -18.10 -25.59
N GLN A 279 34.25 -19.31 -26.12
CA GLN A 279 33.14 -20.18 -25.72
C GLN A 279 33.25 -20.59 -24.27
N VAL A 280 34.47 -20.67 -23.76
CA VAL A 280 34.67 -21.07 -22.37
C VAL A 280 34.21 -19.98 -21.42
N LEU A 281 34.34 -18.72 -21.79
CA LEU A 281 33.83 -17.68 -20.91
C LEU A 281 32.31 -17.70 -20.90
N VAL A 282 31.70 -17.82 -22.09
CA VAL A 282 30.24 -17.87 -22.16
C VAL A 282 29.70 -19.02 -21.32
N ASN A 283 30.41 -20.16 -21.27
CA ASN A 283 29.93 -21.35 -20.56
C ASN A 283 29.98 -21.21 -19.05
N HIS A 284 30.60 -20.16 -18.52
CA HIS A 284 30.72 -20.01 -17.08
C HIS A 284 30.16 -18.68 -16.56
N GLU A 285 29.90 -17.72 -17.42
CA GLU A 285 29.61 -16.39 -16.91
C GLU A 285 28.26 -16.34 -16.22
N TRP A 286 27.37 -17.27 -16.53
CA TRP A 286 26.12 -17.38 -15.80
C TRP A 286 26.30 -18.04 -14.45
N HIS A 287 27.34 -18.84 -14.29
CA HIS A 287 27.60 -19.56 -13.06
C HIS A 287 28.43 -18.74 -12.07
N VAL A 288 28.57 -17.43 -12.28
CA VAL A 288 29.42 -16.62 -11.41
C VAL A 288 28.72 -16.32 -10.10
N LEU A 289 27.46 -15.90 -10.15
CA LEU A 289 26.67 -15.60 -8.97
C LEU A 289 25.88 -16.83 -8.53
N PRO A 290 25.77 -17.05 -7.22
CA PRO A 290 24.99 -18.20 -6.74
C PRO A 290 23.53 -18.16 -7.18
N GLN A 291 22.85 -17.02 -6.99
CA GLN A 291 21.53 -16.85 -7.59
C GLN A 291 21.75 -16.67 -9.09
N GLU A 292 21.59 -17.75 -9.86
CA GLU A 292 21.74 -17.61 -11.31
C GLU A 292 20.44 -17.01 -11.82
N SER A 293 20.36 -15.69 -11.69
CA SER A 293 19.13 -14.96 -11.94
C SER A 293 19.27 -14.11 -13.19
N VAL A 294 18.15 -13.89 -13.87
CA VAL A 294 18.12 -12.97 -14.99
C VAL A 294 18.13 -11.53 -14.51
N PHE A 295 17.82 -11.28 -13.24
CA PHE A 295 17.72 -9.93 -12.72
C PHE A 295 18.97 -9.48 -11.96
N ARG A 296 19.94 -10.34 -11.76
CA ARG A 296 21.28 -9.93 -11.34
C ARG A 296 22.25 -10.80 -12.17
N PHE A 297 22.38 -10.45 -13.45
CA PHE A 297 23.40 -11.02 -14.32
C PHE A 297 24.75 -10.39 -14.00
N SER A 298 25.81 -11.19 -14.17
CA SER A 298 27.08 -10.91 -13.53
C SER A 298 27.76 -9.66 -14.12
N PHE A 299 27.63 -9.43 -15.42
CA PHE A 299 28.52 -8.49 -16.10
C PHE A 299 27.71 -7.39 -16.79
N VAL A 300 27.49 -6.30 -16.08
CA VAL A 300 26.69 -5.16 -16.52
C VAL A 300 27.53 -3.91 -16.30
N PRO A 301 27.07 -2.71 -16.69
CA PRO A 301 27.90 -1.53 -16.51
C PRO A 301 28.27 -1.27 -15.05
N VAL A 302 29.46 -0.70 -14.86
CA VAL A 302 30.03 -0.51 -13.54
C VAL A 302 30.07 0.98 -13.25
N VAL A 303 29.82 1.32 -11.99
CA VAL A 303 29.98 2.70 -11.53
C VAL A 303 31.43 2.81 -11.05
N ASP A 304 32.31 3.23 -11.97
CA ASP A 304 33.76 3.32 -11.75
C ASP A 304 34.23 4.76 -11.55
N GLY A 305 33.43 5.76 -11.90
CA GLY A 305 33.88 7.13 -11.88
C GLY A 305 34.36 7.61 -13.23
N ASP A 306 34.30 6.75 -14.23
CA ASP A 306 34.73 7.07 -15.59
C ASP A 306 33.56 7.40 -16.46
N PHE A 307 33.05 6.39 -17.18
CA PHE A 307 31.84 6.56 -17.96
C PHE A 307 30.73 7.18 -17.12
N LEU A 308 30.46 6.59 -15.95
CA LEU A 308 29.51 7.13 -14.99
C LEU A 308 30.31 7.74 -13.86
N SER A 309 30.28 9.07 -13.74
CA SER A 309 31.06 9.67 -12.66
C SER A 309 30.44 9.38 -11.30
N ASP A 310 29.20 8.91 -11.26
CA ASP A 310 28.47 8.56 -10.06
C ASP A 310 27.38 7.58 -10.45
N THR A 311 26.71 7.01 -9.46
CA THR A 311 25.62 6.10 -9.74
C THR A 311 24.59 6.78 -10.64
N PRO A 312 23.94 6.02 -11.53
CA PRO A 312 22.92 6.64 -12.39
C PRO A 312 21.90 7.41 -11.59
N GLU A 313 21.50 6.88 -10.44
CA GLU A 313 20.58 7.61 -9.59
C GLU A 313 21.13 8.97 -9.19
N ALA A 314 22.43 9.03 -8.90
CA ALA A 314 23.02 10.28 -8.43
C ALA A 314 23.03 11.33 -9.54
N LEU A 315 23.36 10.93 -10.76
CA LEU A 315 23.45 11.88 -11.87
C LEU A 315 22.07 12.36 -12.29
N ILE A 316 21.07 11.47 -12.24
CA ILE A 316 19.70 11.89 -12.50
C ILE A 316 19.29 13.02 -11.56
N ASN A 317 19.37 12.77 -10.25
CA ASN A 317 18.89 13.71 -9.24
C ASN A 317 19.61 15.05 -9.28
N ALA A 318 20.63 15.16 -10.12
CA ALA A 318 21.44 16.35 -10.12
C ALA A 318 21.64 16.97 -11.49
N GLY A 319 21.05 16.43 -12.55
CA GLY A 319 21.29 16.93 -13.89
C GLY A 319 20.35 18.06 -14.28
N ASP A 320 20.87 19.01 -15.06
CA ASP A 320 20.03 20.00 -15.75
C ASP A 320 19.75 19.42 -17.14
N PHE A 321 18.49 19.09 -17.40
CA PHE A 321 18.10 18.46 -18.65
C PHE A 321 17.31 19.39 -19.57
N HIS A 322 17.32 20.71 -19.29
CA HIS A 322 16.82 21.69 -20.25
C HIS A 322 17.42 21.41 -21.62
N GLY A 323 16.57 21.52 -22.65
CA GLY A 323 17.00 21.35 -24.02
C GLY A 323 16.89 19.95 -24.56
N LEU A 324 16.55 18.97 -23.70
CA LEU A 324 16.38 17.56 -24.04
C LEU A 324 14.91 17.22 -24.24
N GLN A 325 14.59 16.53 -25.33
CA GLN A 325 13.31 15.85 -25.47
C GLN A 325 13.54 14.35 -25.32
N VAL A 326 12.57 13.69 -24.71
CA VAL A 326 12.68 12.30 -24.32
C VAL A 326 11.34 11.62 -24.53
N LEU A 327 11.36 10.48 -25.22
CA LEU A 327 10.20 9.62 -25.37
C LEU A 327 10.44 8.35 -24.58
N VAL A 328 9.50 7.99 -23.74
CA VAL A 328 9.69 6.98 -22.69
C VAL A 328 8.44 6.12 -22.53
N GLY A 329 8.62 4.81 -22.36
CA GLY A 329 7.45 3.99 -22.13
C GLY A 329 7.76 2.57 -21.71
N VAL A 330 6.71 1.83 -21.36
CA VAL A 330 6.77 0.42 -20.96
C VAL A 330 5.68 -0.32 -21.71
N VAL A 331 5.74 -1.65 -21.67
CA VAL A 331 4.61 -2.44 -22.15
C VAL A 331 3.69 -2.75 -20.98
N LYS A 332 2.48 -3.25 -21.26
CA LYS A 332 1.51 -3.47 -20.20
C LYS A 332 2.03 -4.45 -19.16
N ASP A 333 2.56 -5.59 -19.59
CA ASP A 333 2.97 -6.63 -18.64
C ASP A 333 4.47 -6.85 -18.76
N GLU A 334 5.25 -5.94 -18.17
CA GLU A 334 6.70 -6.07 -18.24
C GLU A 334 7.19 -7.38 -17.66
N GLY A 335 6.52 -7.89 -16.64
CA GLY A 335 7.12 -8.91 -15.81
C GLY A 335 6.91 -10.33 -16.26
N SER A 336 5.97 -10.59 -17.16
CA SER A 336 5.54 -11.97 -17.36
C SER A 336 6.58 -12.78 -18.12
N TYR A 337 7.37 -12.13 -18.96
CA TYR A 337 8.38 -12.84 -19.74
C TYR A 337 9.48 -13.38 -18.85
N PHE A 338 9.84 -12.63 -17.82
CA PHE A 338 10.89 -13.07 -16.93
C PHE A 338 10.49 -14.24 -16.06
N LEU A 339 9.19 -14.45 -15.84
CA LEU A 339 8.80 -15.47 -14.89
C LEU A 339 9.04 -16.87 -15.43
N VAL A 340 8.92 -17.07 -16.75
CA VAL A 340 9.13 -18.40 -17.30
C VAL A 340 10.62 -18.79 -17.29
N TYR A 341 11.52 -17.81 -17.19
CA TYR A 341 12.97 -18.00 -17.12
C TYR A 341 13.46 -18.10 -15.68
N GLY A 342 12.85 -18.95 -14.87
CA GLY A 342 13.30 -19.07 -13.51
C GLY A 342 12.21 -19.34 -12.49
N ALA A 343 11.39 -18.32 -12.19
CA ALA A 343 10.37 -18.33 -11.15
C ALA A 343 9.69 -19.70 -10.99
N PRO A 344 9.56 -20.20 -9.75
CA PRO A 344 9.08 -21.56 -9.52
C PRO A 344 7.59 -21.79 -9.72
N GLY A 345 7.22 -22.60 -10.71
CA GLY A 345 5.82 -22.90 -10.99
C GLY A 345 5.38 -22.47 -12.37
N PHE A 346 6.27 -21.88 -13.15
CA PHE A 346 5.94 -21.18 -14.38
C PHE A 346 6.36 -21.95 -15.62
N SER A 347 5.66 -21.64 -16.70
CA SER A 347 5.87 -22.26 -17.99
C SER A 347 4.99 -21.63 -19.05
N LYS A 348 5.55 -21.34 -20.22
CA LYS A 348 4.73 -21.00 -21.37
C LYS A 348 3.75 -22.10 -21.75
N ASP A 349 3.81 -23.26 -21.10
CA ASP A 349 3.07 -24.43 -21.56
C ASP A 349 1.94 -24.86 -20.63
N ASN A 350 1.72 -24.16 -19.52
CA ASN A 350 0.47 -24.28 -18.80
C ASN A 350 0.05 -22.89 -18.36
N GLU A 351 -0.96 -22.83 -17.50
CA GLU A 351 -1.46 -21.55 -17.01
C GLU A 351 -0.61 -20.97 -15.89
N SER A 352 0.48 -21.63 -15.52
CA SER A 352 1.39 -21.18 -14.45
C SER A 352 0.61 -20.71 -13.22
N LEU A 353 -0.23 -21.61 -12.69
CA LEU A 353 -1.03 -21.30 -11.50
C LEU A 353 -0.18 -21.53 -10.25
N ILE A 354 0.47 -20.46 -9.83
CA ILE A 354 1.41 -20.42 -8.71
C ILE A 354 0.69 -20.70 -7.39
N SER A 355 1.44 -21.23 -6.43
CA SER A 355 1.01 -21.38 -5.06
C SER A 355 1.54 -20.24 -4.23
N ARG A 356 1.01 -20.10 -3.02
CA ARG A 356 1.51 -19.05 -2.16
C ARG A 356 3.01 -19.20 -1.93
N ALA A 357 3.47 -20.41 -1.62
CA ALA A 357 4.87 -20.58 -1.30
C ALA A 357 5.73 -20.42 -2.54
N GLU A 358 5.24 -20.92 -3.67
CA GLU A 358 5.87 -20.61 -4.95
C GLU A 358 5.95 -19.10 -5.17
N PHE A 359 4.90 -18.38 -4.79
CA PHE A 359 4.88 -16.92 -4.92
C PHE A 359 5.86 -16.26 -3.97
N LEU A 360 5.84 -16.64 -2.68
CA LEU A 360 6.83 -16.10 -1.74
C LEU A 360 8.24 -16.40 -2.23
N ALA A 361 8.44 -17.59 -2.79
CA ALA A 361 9.74 -17.93 -3.37
C ALA A 361 10.05 -17.08 -4.59
N GLY A 362 9.07 -16.84 -5.46
CA GLY A 362 9.32 -16.03 -6.63
C GLY A 362 9.70 -14.60 -6.31
N VAL A 363 9.16 -14.05 -5.23
CA VAL A 363 9.53 -12.70 -4.83
C VAL A 363 11.03 -12.59 -4.65
N ARG A 364 11.66 -13.62 -4.05
CA ARG A 364 13.10 -13.56 -3.85
C ARG A 364 13.85 -13.67 -5.17
N VAL A 365 13.25 -14.25 -6.19
CA VAL A 365 13.98 -14.44 -7.43
C VAL A 365 13.93 -13.17 -8.28
N GLY A 366 12.83 -12.43 -8.20
CA GLY A 366 12.62 -11.24 -9.01
C GLY A 366 12.98 -9.97 -8.28
N VAL A 367 12.97 -10.04 -6.96
CA VAL A 367 13.55 -8.97 -6.15
C VAL A 367 14.72 -9.60 -5.41
N PRO A 368 15.86 -9.79 -6.07
CA PRO A 368 17.01 -10.38 -5.39
C PRO A 368 17.76 -9.32 -4.60
N GLN A 369 18.47 -9.80 -3.60
CA GLN A 369 19.36 -9.00 -2.78
C GLN A 369 18.61 -7.83 -2.12
N VAL A 370 17.54 -8.19 -1.41
CA VAL A 370 16.89 -7.33 -0.44
C VAL A 370 16.75 -8.13 0.85
N SER A 371 16.60 -7.41 1.96
CA SER A 371 16.57 -8.03 3.27
C SER A 371 15.38 -8.98 3.41
N ASP A 372 15.25 -9.61 4.58
CA ASP A 372 14.04 -10.40 4.82
C ASP A 372 12.84 -9.50 5.09
N LEU A 373 13.03 -8.45 5.90
CA LEU A 373 11.95 -7.51 6.16
C LEU A 373 11.43 -6.87 4.89
N ALA A 374 12.34 -6.50 3.99
CA ALA A 374 11.94 -5.90 2.72
C ALA A 374 11.11 -6.88 1.90
N ALA A 375 11.44 -8.16 1.96
CA ALA A 375 10.69 -9.13 1.17
C ALA A 375 9.29 -9.30 1.72
N GLU A 376 9.14 -9.36 3.04
CA GLU A 376 7.82 -9.42 3.65
C GLU A 376 7.01 -8.20 3.27
N ALA A 377 7.63 -7.02 3.32
CA ALA A 377 6.98 -5.82 2.84
C ALA A 377 6.45 -6.03 1.43
N VAL A 378 7.30 -6.49 0.52
CA VAL A 378 6.83 -6.73 -0.85
C VAL A 378 5.61 -7.65 -0.83
N VAL A 379 5.67 -8.69 -0.01
CA VAL A 379 4.64 -9.73 -0.07
C VAL A 379 3.32 -9.21 0.49
N LEU A 380 3.38 -8.58 1.67
CA LEU A 380 2.22 -7.89 2.21
C LEU A 380 1.69 -6.83 1.27
N HIS A 381 2.56 -6.18 0.53
CA HIS A 381 2.10 -5.13 -0.36
C HIS A 381 1.36 -5.66 -1.58
N TYR A 382 1.67 -6.88 -2.02
CA TYR A 382 1.18 -7.40 -3.30
C TYR A 382 0.21 -8.55 -3.14
N THR A 383 0.01 -9.07 -1.92
CA THR A 383 -1.05 -10.05 -1.66
C THR A 383 -2.42 -9.40 -1.69
N ASP A 384 -3.40 -10.11 -2.25
CA ASP A 384 -4.79 -9.70 -2.23
C ASP A 384 -5.42 -10.40 -1.01
N TRP A 385 -5.52 -9.68 0.12
CA TRP A 385 -5.84 -10.30 1.39
C TRP A 385 -7.29 -10.77 1.49
N LEU A 386 -8.11 -10.52 0.47
CA LEU A 386 -9.40 -11.18 0.35
C LEU A 386 -9.30 -12.51 -0.39
N HIS A 387 -8.27 -12.70 -1.23
CA HIS A 387 -7.99 -13.96 -1.92
C HIS A 387 -6.49 -14.25 -1.82
N PRO A 388 -6.00 -14.57 -0.61
CA PRO A 388 -4.55 -14.67 -0.41
C PRO A 388 -3.92 -15.80 -1.13
N GLU A 389 -4.70 -16.79 -1.56
CA GLU A 389 -4.12 -17.99 -2.13
C GLU A 389 -4.71 -18.33 -3.49
N ASP A 390 -5.40 -17.38 -4.11
CA ASP A 390 -5.85 -17.57 -5.47
C ASP A 390 -4.63 -17.70 -6.38
N PRO A 391 -4.41 -18.85 -7.04
CA PRO A 391 -3.22 -19.00 -7.87
C PRO A 391 -3.16 -18.02 -9.03
N ALA A 392 -4.28 -17.76 -9.71
CA ALA A 392 -4.27 -16.81 -10.81
C ALA A 392 -3.89 -15.43 -10.31
N ARG A 393 -4.58 -14.94 -9.26
CA ARG A 393 -4.22 -13.65 -8.71
C ARG A 393 -2.76 -13.62 -8.27
N LEU A 394 -2.27 -14.70 -7.67
CA LEU A 394 -0.88 -14.73 -7.21
C LEU A 394 0.08 -14.60 -8.37
N ARG A 395 -0.18 -15.33 -9.46
CA ARG A 395 0.64 -15.26 -10.67
C ARG A 395 0.74 -13.82 -11.16
N GLU A 396 -0.41 -13.17 -11.32
CA GLU A 396 -0.44 -11.77 -11.75
C GLU A 396 0.29 -10.86 -10.78
N ALA A 397 0.07 -11.05 -9.47
CA ALA A 397 0.80 -10.31 -8.47
C ALA A 397 2.31 -10.37 -8.71
N LEU A 398 2.86 -11.60 -8.82
CA LEU A 398 4.29 -11.74 -9.02
C LEU A 398 4.74 -11.11 -10.33
N SER A 399 3.96 -11.32 -11.40
CA SER A 399 4.21 -10.60 -12.65
C SER A 399 4.33 -9.11 -12.42
N ASP A 400 3.55 -8.57 -11.47
CA ASP A 400 3.65 -7.15 -11.20
C ASP A 400 4.87 -6.85 -10.35
N VAL A 401 5.22 -7.72 -9.40
CA VAL A 401 6.34 -7.43 -8.53
C VAL A 401 7.64 -7.30 -9.33
N VAL A 402 7.89 -8.24 -10.25
CA VAL A 402 9.14 -8.13 -10.97
C VAL A 402 9.06 -7.03 -12.02
N GLY A 403 7.91 -6.89 -12.67
CA GLY A 403 7.77 -5.84 -13.66
C GLY A 403 7.88 -4.45 -13.06
N ASP A 404 7.13 -4.19 -11.98
CA ASP A 404 7.21 -2.89 -11.34
C ASP A 404 8.62 -2.61 -10.84
N HIS A 405 9.24 -3.58 -10.18
CA HIS A 405 10.52 -3.34 -9.53
C HIS A 405 11.66 -3.18 -10.53
N ASN A 406 11.62 -3.88 -11.65
CA ASN A 406 12.77 -3.90 -12.54
C ASN A 406 12.61 -2.98 -13.73
N VAL A 407 11.39 -2.76 -14.21
CA VAL A 407 11.21 -1.90 -15.37
C VAL A 407 10.36 -0.67 -15.05
N VAL A 408 9.12 -0.87 -14.60
CA VAL A 408 8.15 0.23 -14.61
C VAL A 408 8.56 1.32 -13.62
N CYS A 409 8.75 0.98 -12.36
CA CYS A 409 9.09 2.02 -11.40
C CYS A 409 10.44 2.67 -11.66
N PRO A 410 11.45 1.95 -12.18
CA PRO A 410 12.65 2.66 -12.68
C PRO A 410 12.37 3.66 -13.80
N VAL A 411 11.65 3.24 -14.85
CA VAL A 411 11.33 4.12 -15.95
C VAL A 411 10.58 5.34 -15.44
N ALA A 412 9.52 5.10 -14.65
CA ALA A 412 8.73 6.18 -14.07
C ALA A 412 9.60 7.15 -13.30
N GLN A 413 10.42 6.64 -12.38
CA GLN A 413 11.25 7.51 -11.57
C GLN A 413 12.15 8.40 -12.43
N LEU A 414 12.70 7.83 -13.51
CA LEU A 414 13.55 8.63 -14.40
C LEU A 414 12.70 9.66 -15.14
N ALA A 415 11.54 9.24 -15.61
CA ALA A 415 10.74 10.13 -16.44
C ALA A 415 10.33 11.36 -15.67
N GLY A 416 9.98 11.19 -14.40
CA GLY A 416 9.57 12.34 -13.61
C GLY A 416 10.74 13.23 -13.27
N ARG A 417 11.87 12.63 -12.93
CA ARG A 417 13.04 13.44 -12.59
C ARG A 417 13.50 14.26 -13.79
N LEU A 418 13.58 13.62 -14.96
CA LEU A 418 13.93 14.36 -16.18
C LEU A 418 12.94 15.50 -16.43
N ALA A 419 11.64 15.19 -16.36
CA ALA A 419 10.63 16.20 -16.59
C ALA A 419 10.78 17.35 -15.61
N ALA A 420 11.01 17.03 -14.34
CA ALA A 420 11.07 18.05 -13.29
C ALA A 420 12.30 18.93 -13.39
N GLN A 421 13.31 18.51 -14.13
CA GLN A 421 14.59 19.20 -14.15
C GLN A 421 14.97 19.64 -15.57
N GLY A 422 13.97 19.95 -16.38
CA GLY A 422 14.17 20.71 -17.60
C GLY A 422 13.90 19.97 -18.86
N ALA A 423 13.67 18.66 -18.77
CA ALA A 423 13.45 17.87 -19.95
C ALA A 423 12.02 18.06 -20.45
N ARG A 424 11.75 17.55 -21.63
CA ARG A 424 10.42 17.54 -22.21
C ARG A 424 10.12 16.08 -22.53
N VAL A 425 9.24 15.47 -21.77
CA VAL A 425 9.06 14.02 -21.78
C VAL A 425 7.71 13.66 -22.40
N TYR A 426 7.68 12.58 -23.16
CA TYR A 426 6.42 12.01 -23.64
C TYR A 426 6.41 10.54 -23.25
N ALA A 427 5.39 10.10 -22.54
CA ALA A 427 5.31 8.74 -22.02
C ALA A 427 4.20 7.94 -22.70
N TYR A 428 4.43 6.64 -22.83
CA TYR A 428 3.40 5.74 -23.36
C TYR A 428 3.35 4.47 -22.51
N VAL A 429 2.27 3.71 -22.69
CA VAL A 429 2.22 2.31 -22.28
C VAL A 429 1.76 1.54 -23.51
N PHE A 430 2.55 0.56 -23.92
CA PHE A 430 2.15 -0.28 -25.05
C PHE A 430 1.18 -1.35 -24.56
N GLU A 431 0.01 -1.42 -25.19
CA GLU A 431 -1.04 -2.30 -24.68
C GLU A 431 -1.64 -3.19 -25.75
N HIS A 432 -0.99 -3.35 -26.88
CA HIS A 432 -1.50 -4.26 -27.90
C HIS A 432 -0.80 -5.60 -27.84
N ARG A 433 -1.58 -6.66 -27.77
CA ARG A 433 -1.05 -8.02 -27.88
C ARG A 433 -1.13 -8.43 -29.35
N ALA A 434 0.02 -8.72 -29.94
CA ALA A 434 0.04 -9.05 -31.37
C ALA A 434 -0.83 -10.26 -31.68
N SER A 435 -1.47 -10.24 -32.86
CA SER A 435 -2.27 -11.40 -33.22
C SER A 435 -1.40 -12.60 -33.56
N THR A 436 -0.11 -12.37 -33.79
CA THR A 436 0.84 -13.43 -34.10
C THR A 436 1.56 -13.98 -32.87
N LEU A 437 1.34 -13.36 -31.70
CA LEU A 437 2.16 -13.61 -30.51
C LEU A 437 2.10 -15.07 -30.07
N SER A 438 3.23 -15.76 -30.13
CA SER A 438 3.34 -17.19 -29.86
C SER A 438 3.38 -17.53 -28.36
N TRP A 439 3.50 -16.54 -27.47
CA TRP A 439 3.46 -16.82 -26.04
C TRP A 439 2.02 -17.14 -25.62
N PRO A 440 1.84 -17.64 -24.38
CA PRO A 440 0.48 -17.88 -23.89
C PRO A 440 -0.21 -16.58 -23.52
N LEU A 441 -1.54 -16.69 -23.44
CA LEU A 441 -2.39 -15.53 -23.27
C LEU A 441 -2.24 -14.89 -21.90
N TRP A 442 -1.92 -15.67 -20.86
CA TRP A 442 -1.81 -15.07 -19.53
C TRP A 442 -0.63 -14.11 -19.44
N MET A 443 0.37 -14.25 -20.31
CA MET A 443 1.51 -13.35 -20.30
C MET A 443 1.14 -11.98 -20.81
N GLY A 444 0.09 -11.88 -21.65
CA GLY A 444 -0.40 -10.56 -21.99
C GLY A 444 0.40 -9.82 -23.04
N VAL A 445 0.85 -8.61 -22.74
CA VAL A 445 1.78 -7.91 -23.60
C VAL A 445 3.16 -7.96 -22.96
N PRO A 446 4.04 -8.88 -23.37
CA PRO A 446 5.29 -9.09 -22.64
C PRO A 446 6.39 -8.15 -23.07
N HIS A 447 7.32 -7.97 -22.14
CA HIS A 447 8.60 -7.29 -22.33
C HIS A 447 9.21 -7.61 -23.69
N GLY A 448 9.34 -6.59 -24.53
CA GLY A 448 9.96 -6.75 -25.82
C GLY A 448 9.03 -6.79 -27.01
N TYR A 449 7.71 -6.91 -26.82
CA TYR A 449 6.82 -7.19 -27.96
C TYR A 449 6.13 -5.96 -28.54
N GLU A 450 6.61 -4.75 -28.20
CA GLU A 450 6.25 -3.57 -28.97
C GLU A 450 7.21 -3.32 -30.14
N ILE A 451 8.40 -3.90 -30.11
CA ILE A 451 9.44 -3.53 -31.08
C ILE A 451 9.02 -3.87 -32.51
N GLU A 452 8.42 -5.05 -32.71
CA GLU A 452 7.88 -5.40 -34.03
C GLU A 452 7.08 -4.25 -34.62
N PHE A 453 6.31 -3.56 -33.78
CA PHE A 453 5.40 -2.55 -34.29
C PHE A 453 6.14 -1.25 -34.53
N ILE A 454 7.06 -0.87 -33.65
CA ILE A 454 7.85 0.34 -33.87
C ILE A 454 8.59 0.24 -35.20
N PHE A 455 9.12 -0.94 -35.52
CA PHE A 455 9.91 -1.15 -36.72
C PHE A 455 9.05 -1.43 -37.96
N GLY A 456 7.73 -1.37 -37.84
CA GLY A 456 6.90 -1.60 -39.01
C GLY A 456 6.89 -3.01 -39.54
N ILE A 457 7.27 -4.00 -38.73
CA ILE A 457 7.29 -5.39 -39.20
C ILE A 457 5.94 -5.85 -39.73
N PRO A 458 4.77 -5.48 -39.14
CA PRO A 458 3.50 -5.88 -39.73
C PRO A 458 3.34 -5.56 -41.20
N LEU A 459 4.23 -4.74 -41.75
CA LEU A 459 4.14 -4.38 -43.15
C LEU A 459 4.77 -5.42 -44.06
N ASP A 460 5.61 -6.30 -43.52
CA ASP A 460 6.25 -7.37 -44.26
C ASP A 460 5.17 -8.31 -44.81
N PRO A 461 5.07 -8.45 -46.13
CA PRO A 461 3.98 -9.27 -46.69
C PRO A 461 3.99 -10.71 -46.21
N SER A 462 5.18 -11.26 -45.89
CA SER A 462 5.31 -12.67 -45.55
C SER A 462 4.87 -12.97 -44.13
N ARG A 463 5.02 -12.04 -43.20
CA ARG A 463 4.43 -12.25 -41.89
C ARG A 463 2.92 -12.10 -41.98
N ASN A 464 2.21 -12.65 -41.00
CA ASN A 464 0.76 -12.78 -41.15
C ASN A 464 -0.03 -11.86 -40.23
N TYR A 465 0.32 -10.58 -40.20
CA TYR A 465 -0.34 -9.64 -39.31
C TYR A 465 -1.66 -9.15 -39.90
N THR A 466 -2.38 -8.40 -39.08
CA THR A 466 -3.73 -7.93 -39.38
C THR A 466 -3.72 -6.69 -40.27
N ALA A 467 -4.77 -6.58 -41.08
CA ALA A 467 -5.09 -5.32 -41.75
C ALA A 467 -5.03 -4.14 -40.78
N GLU A 468 -5.82 -4.22 -39.71
CA GLU A 468 -5.78 -3.21 -38.66
C GLU A 468 -4.41 -3.10 -38.02
N GLU A 469 -3.64 -4.20 -37.95
CA GLU A 469 -2.34 -4.14 -37.30
C GLU A 469 -1.32 -3.40 -38.13
N LYS A 470 -1.37 -3.51 -39.45
CA LYS A 470 -0.45 -2.72 -40.25
C LYS A 470 -0.69 -1.23 -40.04
N ILE A 471 -1.96 -0.82 -40.01
CA ILE A 471 -2.30 0.58 -39.74
C ILE A 471 -1.69 1.04 -38.41
N PHE A 472 -1.81 0.20 -37.37
CA PHE A 472 -1.24 0.52 -36.06
C PHE A 472 0.26 0.73 -36.14
N ALA A 473 0.96 -0.14 -36.86
CA ALA A 473 2.40 -0.01 -36.96
C ALA A 473 2.78 1.29 -37.64
N GLN A 474 2.01 1.71 -38.64
CA GLN A 474 2.30 2.98 -39.30
C GLN A 474 2.09 4.15 -38.37
N ARG A 475 0.99 4.13 -37.60
CA ARG A 475 0.83 5.12 -36.55
C ARG A 475 2.07 5.20 -35.68
N LEU A 476 2.53 4.06 -35.17
CA LEU A 476 3.69 4.09 -34.27
C LEU A 476 4.93 4.64 -34.97
N MET A 477 5.22 4.17 -36.19
CA MET A 477 6.37 4.68 -36.94
C MET A 477 6.28 6.19 -37.12
N ARG A 478 5.06 6.68 -37.38
CA ARG A 478 4.80 8.12 -37.50
C ARG A 478 5.17 8.84 -36.22
N TYR A 479 4.71 8.33 -35.06
CA TYR A 479 5.05 8.94 -33.78
C TYR A 479 6.54 9.00 -33.59
N TRP A 480 7.23 7.88 -33.84
CA TRP A 480 8.66 7.81 -33.57
C TRP A 480 9.46 8.73 -34.52
N ALA A 481 9.17 8.67 -35.82
CA ALA A 481 9.81 9.58 -36.76
C ALA A 481 9.47 11.05 -36.46
N ASN A 482 8.20 11.34 -36.15
CA ASN A 482 7.84 12.69 -35.68
C ASN A 482 8.74 13.12 -34.54
N PHE A 483 8.96 12.22 -33.56
CA PHE A 483 9.82 12.57 -32.44
C PHE A 483 11.26 12.75 -32.90
N ALA A 484 11.76 11.83 -33.74
CA ALA A 484 13.09 12.02 -34.29
C ALA A 484 13.21 13.39 -34.94
N ARG A 485 12.19 13.79 -35.71
CA ARG A 485 12.29 15.04 -36.46
C ARG A 485 12.22 16.25 -35.54
N THR A 486 11.28 16.27 -34.61
CA THR A 486 11.02 17.51 -33.89
C THR A 486 11.09 17.42 -32.37
N GLY A 487 11.32 16.25 -31.79
CA GLY A 487 11.22 16.14 -30.35
C GLY A 487 9.81 16.14 -29.84
N ASP A 488 8.87 15.77 -30.67
CA ASP A 488 7.46 15.88 -30.38
C ASP A 488 6.71 14.89 -31.25
N PRO A 489 6.16 13.83 -30.64
CA PRO A 489 5.50 12.79 -31.44
C PRO A 489 4.23 13.26 -32.10
N ASN A 490 3.67 14.40 -31.69
CA ASN A 490 2.45 14.85 -32.31
C ASN A 490 2.74 15.40 -33.69
N GLU A 491 1.71 15.41 -34.54
CA GLU A 491 1.88 16.01 -35.86
C GLU A 491 1.96 17.53 -35.72
N PRO A 492 2.89 18.19 -36.45
CA PRO A 492 3.05 19.65 -36.30
C PRO A 492 1.78 20.44 -36.59
N ARG A 493 0.89 19.83 -37.37
CA ARG A 493 -0.31 20.48 -37.83
C ARG A 493 -1.44 19.45 -37.83
N ASP A 494 -2.46 19.68 -37.02
CA ASP A 494 -3.58 18.75 -36.94
C ASP A 494 -4.67 19.40 -36.08
N PRO A 495 -5.95 19.20 -36.39
CA PRO A 495 -7.00 19.62 -35.44
C PRO A 495 -7.00 18.67 -34.25
N LYS A 496 -7.72 19.10 -33.21
CA LYS A 496 -7.64 18.47 -31.88
C LYS A 496 -6.19 18.10 -31.59
N ALA A 497 -5.36 19.14 -31.59
CA ALA A 497 -3.93 19.07 -31.86
C ALA A 497 -3.07 18.46 -30.74
N PRO A 498 -3.22 18.91 -29.49
CA PRO A 498 -2.40 18.26 -28.45
C PRO A 498 -2.98 16.92 -28.00
N GLN A 499 -2.96 15.93 -28.90
CA GLN A 499 -3.47 14.61 -28.51
C GLN A 499 -2.55 13.93 -27.51
N TRP A 500 -1.26 13.85 -27.81
CA TRP A 500 -0.28 13.26 -26.88
C TRP A 500 0.35 14.36 -26.05
N PRO A 501 -0.05 14.53 -24.78
CA PRO A 501 0.52 15.60 -23.96
C PRO A 501 1.83 15.18 -23.34
N PRO A 502 2.63 16.14 -22.87
CA PRO A 502 3.88 15.79 -22.19
C PRO A 502 3.62 15.17 -20.84
N TYR A 503 4.55 14.29 -20.45
CA TYR A 503 4.57 13.74 -19.10
C TYR A 503 5.26 14.71 -18.14
N THR A 504 4.59 15.00 -17.05
CA THR A 504 5.09 15.90 -16.03
C THR A 504 4.99 15.22 -14.69
N ALA A 505 5.86 15.64 -13.76
CA ALA A 505 5.87 14.99 -12.45
C ALA A 505 4.51 15.10 -11.76
N GLY A 506 3.81 16.21 -11.97
CA GLY A 506 2.49 16.36 -11.38
C GLY A 506 1.39 15.58 -12.06
N ALA A 507 0.97 16.03 -13.25
CA ALA A 507 -0.15 15.42 -13.95
C ALA A 507 0.14 13.98 -14.34
N GLN A 508 1.40 13.67 -14.64
CA GLN A 508 1.84 12.30 -14.93
C GLN A 508 1.11 11.67 -16.10
N GLN A 509 0.73 12.49 -17.09
CA GLN A 509 0.00 11.98 -18.23
C GLN A 509 0.90 11.16 -19.16
N TYR A 510 0.37 10.02 -19.61
CA TYR A 510 0.93 9.20 -20.66
C TYR A 510 -0.19 8.87 -21.63
N VAL A 511 0.16 8.35 -22.80
CA VAL A 511 -0.85 7.79 -23.68
C VAL A 511 -0.76 6.27 -23.62
N SER A 512 -1.85 5.61 -23.99
CA SER A 512 -1.82 4.17 -24.19
C SER A 512 -1.80 3.91 -25.68
N LEU A 513 -0.78 3.19 -26.14
CA LEU A 513 -0.67 2.84 -27.55
C LEU A 513 -1.35 1.49 -27.77
N ASP A 514 -2.38 1.47 -28.62
CA ASP A 514 -3.02 0.24 -29.03
C ASP A 514 -3.84 0.54 -30.28
N LEU A 515 -4.82 -0.31 -30.57
CA LEU A 515 -5.54 -0.16 -31.82
C LEU A 515 -6.49 1.03 -31.77
N ARG A 516 -7.12 1.27 -30.62
CA ARG A 516 -8.01 2.41 -30.50
C ARG A 516 -7.19 3.70 -30.50
N PRO A 517 -7.81 4.82 -30.90
CA PRO A 517 -7.08 6.10 -30.94
C PRO A 517 -6.50 6.47 -29.58
N LEU A 518 -5.44 7.28 -29.60
CA LEU A 518 -4.68 7.59 -28.39
C LEU A 518 -5.60 7.91 -27.23
N GLU A 519 -5.28 7.37 -26.04
CA GLU A 519 -6.04 7.75 -24.85
C GLU A 519 -5.07 8.24 -23.80
N VAL A 520 -5.37 9.38 -23.19
CA VAL A 520 -4.51 9.91 -22.13
C VAL A 520 -4.90 9.26 -20.83
N ARG A 521 -3.91 8.90 -20.02
CA ARG A 521 -4.12 8.36 -18.70
C ARG A 521 -3.14 9.04 -17.75
N ARG A 522 -3.44 8.99 -16.45
CA ARG A 522 -2.61 9.66 -15.45
C ARG A 522 -1.88 8.59 -14.64
N GLY A 523 -0.57 8.74 -14.52
CA GLY A 523 0.21 7.92 -13.62
C GLY A 523 0.65 6.59 -14.20
N LEU A 524 1.97 6.38 -14.25
CA LEU A 524 2.57 5.08 -14.60
C LEU A 524 2.69 4.29 -13.31
N ARG A 525 1.67 3.47 -13.02
CA ARG A 525 1.58 2.73 -11.76
C ARG A 525 2.03 3.60 -10.61
N ALA A 526 1.41 4.78 -10.55
CA ALA A 526 1.82 5.83 -9.61
C ALA A 526 1.84 5.31 -8.19
N GLN A 527 0.77 4.63 -7.78
CA GLN A 527 0.66 4.10 -6.42
C GLN A 527 1.70 3.03 -6.17
N ALA A 528 1.84 2.07 -7.09
CA ALA A 528 2.82 1.00 -6.92
C ALA A 528 4.23 1.57 -6.80
N CYS A 529 4.58 2.48 -7.69
CA CYS A 529 5.96 2.93 -7.73
C CYS A 529 6.33 3.81 -6.54
N ALA A 530 5.35 4.31 -5.78
CA ALA A 530 5.69 4.98 -4.54
C ALA A 530 6.40 4.02 -3.60
N PHE A 531 5.99 2.76 -3.62
CA PHE A 531 6.61 1.76 -2.77
C PHE A 531 8.05 1.53 -3.18
N TRP A 532 8.27 1.33 -4.48
CA TRP A 532 9.59 0.92 -4.96
C TRP A 532 10.57 2.07 -4.94
N ASN A 533 10.16 3.24 -5.43
CA ASN A 533 11.07 4.38 -5.55
C ASN A 533 11.26 5.13 -4.25
N ARG A 534 10.27 5.15 -3.36
CA ARG A 534 10.33 6.00 -2.17
C ARG A 534 10.42 5.23 -0.86
N PHE A 535 9.53 4.26 -0.59
CA PHE A 535 9.55 3.61 0.72
C PHE A 535 10.63 2.54 0.82
N LEU A 536 10.67 1.61 -0.13
CA LEU A 536 11.62 0.51 -0.08
C LEU A 536 13.06 0.94 0.20
N PRO A 537 13.59 2.01 -0.42
CA PRO A 537 14.95 2.45 -0.06
C PRO A 537 15.08 2.85 1.40
N LYS A 538 14.15 3.68 1.91
CA LYS A 538 14.16 4.05 3.33
C LYS A 538 14.19 2.83 4.23
N LEU A 539 13.61 1.73 3.77
CA LEU A 539 13.52 0.55 4.61
C LEU A 539 14.82 -0.23 4.58
N LEU A 540 15.37 -0.43 3.37
CA LEU A 540 16.68 -1.06 3.21
C LEU A 540 17.75 -0.31 4.00
N SER A 541 17.63 1.02 4.06
CA SER A 541 18.49 1.88 4.88
C SER A 541 18.43 1.55 6.36
N ALA A 542 17.32 1.94 7.02
CA ALA A 542 17.21 1.84 8.48
C ALA A 542 17.10 0.41 8.98
N THR A 543 17.49 -0.56 8.14
CA THR A 543 17.66 -1.95 8.57
C THR A 543 18.97 -2.55 8.03
N ASP B 5 -49.02 2.10 41.15
CA ASP B 5 -48.80 0.91 40.31
C ASP B 5 -47.91 -0.15 40.98
N ALA B 6 -48.44 -1.36 41.14
CA ALA B 6 -47.69 -2.46 41.76
C ALA B 6 -46.37 -2.72 41.06
N GLU B 7 -46.23 -2.31 39.80
CA GLU B 7 -45.03 -2.62 39.04
C GLU B 7 -43.84 -1.72 39.41
N LEU B 8 -44.06 -0.61 40.11
CA LEU B 8 -42.99 0.33 40.40
C LEU B 8 -42.32 0.09 41.75
N LEU B 9 -42.91 -0.76 42.61
CA LEU B 9 -42.27 -1.14 43.86
C LEU B 9 -41.65 -2.52 43.71
N VAL B 10 -40.33 -2.57 43.88
CA VAL B 10 -39.53 -3.77 43.66
C VAL B 10 -38.50 -3.85 44.77
N THR B 11 -38.21 -5.07 45.22
CA THR B 11 -37.25 -5.27 46.29
C THR B 11 -36.07 -6.10 45.81
N VAL B 12 -34.89 -5.70 46.27
CA VAL B 12 -33.58 -6.10 45.79
C VAL B 12 -32.79 -6.54 47.02
N ARG B 13 -31.69 -7.27 46.80
CA ARG B 13 -30.95 -7.80 47.95
C ARG B 13 -30.62 -6.68 48.94
N GLY B 14 -30.35 -5.47 48.41
CA GLY B 14 -30.03 -4.33 49.27
C GLY B 14 -31.22 -3.73 50.01
N GLY B 15 -32.40 -3.70 49.39
CA GLY B 15 -33.60 -3.19 50.05
C GLY B 15 -34.70 -2.89 49.03
N ARG B 16 -35.61 -1.99 49.41
CA ARG B 16 -36.75 -1.63 48.56
C ARG B 16 -36.42 -0.49 47.60
N LEU B 17 -37.05 -0.51 46.41
CA LEU B 17 -36.90 0.53 45.40
C LEU B 17 -38.25 1.06 44.95
N ARG B 18 -38.29 2.36 44.67
CA ARG B 18 -39.43 3.01 44.02
C ARG B 18 -38.99 3.43 42.61
N GLY B 19 -39.77 3.02 41.61
CA GLY B 19 -39.45 3.28 40.22
C GLY B 19 -40.47 4.19 39.58
N ILE B 20 -40.26 4.46 38.29
CA ILE B 20 -41.08 5.40 37.54
C ILE B 20 -41.56 4.74 36.26
N ARG B 21 -42.84 4.95 35.93
CA ARG B 21 -43.36 4.55 34.63
C ARG B 21 -42.95 5.58 33.57
N LEU B 22 -42.38 5.11 32.46
CA LEU B 22 -42.01 5.97 31.33
C LEU B 22 -42.89 5.67 30.12
N LYS B 23 -43.13 6.70 29.33
CA LYS B 23 -43.98 6.59 28.15
C LYS B 23 -43.14 6.36 26.89
N THR B 24 -43.57 5.41 26.12
CA THR B 24 -43.21 5.20 24.75
C THR B 24 -44.41 5.47 23.88
N PRO B 25 -44.23 5.89 22.63
CA PRO B 25 -45.39 5.91 21.71
C PRO B 25 -46.12 4.57 21.69
N GLY B 26 -45.38 3.47 21.77
CA GLY B 26 -45.98 2.15 21.75
C GLY B 26 -46.52 1.67 23.08
N GLY B 27 -46.10 2.28 24.19
CA GLY B 27 -46.68 1.94 25.47
C GLY B 27 -45.70 2.05 26.61
N PRO B 28 -46.20 1.86 27.84
CA PRO B 28 -45.36 2.12 29.02
C PRO B 28 -44.22 1.13 29.19
N VAL B 29 -43.16 1.61 29.83
CA VAL B 29 -42.07 0.81 30.35
C VAL B 29 -41.89 1.23 31.80
N SER B 30 -41.55 0.31 32.70
CA SER B 30 -41.26 0.71 34.06
C SER B 30 -39.76 0.67 34.28
N ALA B 31 -39.22 1.73 34.91
CA ALA B 31 -37.78 2.00 34.95
C ALA B 31 -37.34 2.31 36.37
N PHE B 32 -36.18 1.81 36.75
CA PHE B 32 -35.60 2.02 38.08
C PHE B 32 -34.25 2.66 37.85
N LEU B 33 -34.18 3.96 38.15
CA LEU B 33 -33.07 4.82 37.75
C LEU B 33 -32.26 5.23 38.96
N GLY B 34 -30.95 5.00 38.90
CA GLY B 34 -30.09 5.40 39.98
C GLY B 34 -30.18 4.49 41.18
N ILE B 35 -30.03 3.19 40.94
CA ILE B 35 -29.92 2.20 42.01
C ILE B 35 -28.49 2.18 42.52
N PRO B 36 -28.26 2.48 43.79
CA PRO B 36 -26.91 2.40 44.35
C PRO B 36 -26.39 0.98 44.34
N PHE B 37 -25.35 0.71 43.54
CA PHE B 37 -24.79 -0.63 43.53
C PHE B 37 -23.45 -0.72 44.26
N ALA B 38 -22.91 0.38 44.76
CA ALA B 38 -21.62 0.37 45.44
C ALA B 38 -21.60 1.45 46.49
N GLU B 39 -20.87 1.19 47.57
CA GLU B 39 -20.63 2.25 48.53
C GLU B 39 -19.83 3.36 47.84
N PRO B 40 -20.13 4.63 48.09
CA PRO B 40 -19.54 5.73 47.30
C PRO B 40 -18.03 5.79 47.46
N PRO B 41 -17.29 5.86 46.32
CA PRO B 41 -15.81 5.85 46.31
C PRO B 41 -15.17 7.20 46.60
N MET B 42 -15.21 7.59 47.87
CA MET B 42 -14.93 8.96 48.30
C MET B 42 -13.79 8.98 49.30
N GLY B 43 -13.05 10.09 49.32
CA GLY B 43 -11.99 10.29 50.28
C GLY B 43 -11.08 9.08 50.34
N PRO B 44 -11.08 8.39 51.48
CA PRO B 44 -10.22 7.21 51.62
C PRO B 44 -10.46 6.14 50.57
N ARG B 45 -11.62 6.12 49.93
CA ARG B 45 -11.93 5.13 48.91
C ARG B 45 -11.62 5.59 47.51
N ARG B 46 -11.17 6.84 47.33
CA ARG B 46 -10.78 7.26 45.99
C ARG B 46 -9.60 6.43 45.52
N PHE B 47 -9.67 5.97 44.28
CA PHE B 47 -8.72 5.12 43.56
C PHE B 47 -8.79 3.65 43.97
N LEU B 48 -9.62 3.26 44.97
CA LEU B 48 -9.72 1.88 45.40
C LEU B 48 -10.78 1.13 44.61
N PRO B 49 -10.70 -0.20 44.54
CA PRO B 49 -11.76 -0.97 43.90
C PRO B 49 -13.07 -0.81 44.67
N PRO B 50 -14.21 -1.03 44.01
CA PRO B 50 -15.49 -0.74 44.67
C PRO B 50 -15.89 -1.75 45.73
N GLU B 51 -16.36 -1.24 46.87
CA GLU B 51 -17.04 -2.09 47.84
C GLU B 51 -18.52 -2.17 47.53
N PRO B 52 -19.13 -3.35 47.70
CA PRO B 52 -20.57 -3.49 47.48
C PRO B 52 -21.38 -2.62 48.43
N LYS B 53 -22.48 -2.07 47.92
CA LYS B 53 -23.38 -1.21 48.69
C LYS B 53 -23.91 -1.95 49.92
N GLN B 54 -23.68 -1.38 51.09
CA GLN B 54 -24.32 -1.91 52.28
C GLN B 54 -25.84 -1.78 52.15
N PRO B 55 -26.61 -2.74 52.66
CA PRO B 55 -28.07 -2.70 52.48
C PRO B 55 -28.69 -1.56 53.27
N TRP B 56 -29.81 -1.05 52.75
CA TRP B 56 -30.46 0.13 53.28
C TRP B 56 -31.87 -0.17 53.77
N SER B 57 -32.36 0.71 54.61
CA SER B 57 -33.74 0.68 55.07
C SER B 57 -34.54 1.76 54.35
N GLY B 58 -35.85 1.61 54.36
CA GLY B 58 -36.69 2.50 53.58
C GLY B 58 -36.66 2.17 52.10
N VAL B 59 -37.27 3.06 51.33
CA VAL B 59 -37.35 2.91 49.87
C VAL B 59 -36.39 3.90 49.22
N VAL B 60 -35.41 3.37 48.47
CA VAL B 60 -34.57 4.20 47.63
C VAL B 60 -35.41 4.81 46.52
N ASP B 61 -35.25 6.10 46.30
CA ASP B 61 -35.97 6.78 45.24
C ASP B 61 -35.27 6.49 43.92
N ALA B 62 -35.71 5.46 43.22
CA ALA B 62 -35.06 5.12 41.94
C ALA B 62 -35.85 5.66 40.76
N THR B 63 -36.16 6.95 40.78
CA THR B 63 -37.00 7.55 39.73
C THR B 63 -36.27 8.60 38.93
N THR B 64 -35.01 8.87 39.22
CA THR B 64 -34.29 9.85 38.45
C THR B 64 -32.83 9.43 38.40
N PHE B 65 -32.18 9.79 37.30
CA PHE B 65 -30.76 9.51 37.15
C PHE B 65 -29.95 10.16 38.27
N GLN B 66 -28.95 9.41 38.75
CA GLN B 66 -28.03 9.90 39.76
C GLN B 66 -26.86 10.62 39.09
N SER B 67 -25.83 10.93 39.86
CA SER B 67 -24.80 11.86 39.41
C SER B 67 -23.94 11.22 38.31
N VAL B 68 -23.09 12.07 37.74
CA VAL B 68 -22.16 11.69 36.68
C VAL B 68 -20.76 11.67 37.29
N CYS B 69 -19.99 10.63 37.01
CA CYS B 69 -18.63 10.57 37.53
C CYS B 69 -17.80 11.76 37.03
N TYR B 70 -16.95 12.29 37.92
CA TYR B 70 -16.16 13.46 37.56
C TYR B 70 -15.42 13.23 36.25
N GLN B 71 -15.38 14.27 35.42
CA GLN B 71 -14.75 14.18 34.10
C GLN B 71 -14.68 15.57 33.49
N TYR B 72 -13.68 15.75 32.63
CA TYR B 72 -13.63 16.87 31.71
C TYR B 72 -14.97 17.08 31.02
N VAL B 73 -15.40 18.33 30.94
CA VAL B 73 -16.56 18.71 30.15
C VAL B 73 -16.06 19.37 28.87
N ASP B 74 -16.65 18.98 27.74
CA ASP B 74 -16.20 19.43 26.43
C ASP B 74 -16.61 20.87 26.19
N THR B 75 -15.62 21.75 26.11
CA THR B 75 -15.86 23.15 25.82
C THR B 75 -15.60 23.49 24.36
N LEU B 76 -15.49 22.49 23.48
CA LEU B 76 -14.95 22.73 22.14
C LEU B 76 -15.87 23.60 21.32
N TYR B 77 -17.13 23.19 21.17
CA TYR B 77 -18.15 23.94 20.44
C TYR B 77 -19.29 24.20 21.40
N PRO B 78 -19.20 25.25 22.23
CA PRO B 78 -20.25 25.52 23.21
C PRO B 78 -21.63 25.64 22.58
N GLY B 79 -22.62 25.04 23.24
CA GLY B 79 -23.98 25.03 22.76
C GLY B 79 -24.28 24.05 21.66
N PHE B 80 -23.27 23.63 20.88
CA PHE B 80 -23.50 22.81 19.70
C PHE B 80 -24.08 21.45 20.07
N GLU B 81 -25.23 21.13 19.46
CA GLU B 81 -25.89 19.84 19.65
C GLU B 81 -24.94 18.67 19.52
N GLY B 82 -24.03 18.74 18.54
CA GLY B 82 -23.18 17.60 18.27
C GLY B 82 -22.24 17.27 19.42
N THR B 83 -21.67 18.29 20.07
CA THR B 83 -20.83 18.04 21.22
C THR B 83 -21.63 17.94 22.51
N GLU B 84 -22.68 18.75 22.65
CA GLU B 84 -23.36 18.82 23.95
C GLU B 84 -24.10 17.54 24.28
N MET B 85 -24.59 16.82 23.27
CA MET B 85 -25.34 15.59 23.53
C MET B 85 -24.52 14.58 24.30
N TRP B 86 -23.19 14.69 24.28
CA TRP B 86 -22.33 13.78 25.00
C TRP B 86 -21.90 14.31 26.36
N ASN B 87 -22.13 15.56 26.65
CA ASN B 87 -21.67 16.19 27.88
C ASN B 87 -22.48 15.73 29.09
N PRO B 88 -21.86 15.73 30.29
CA PRO B 88 -22.58 15.31 31.50
C PRO B 88 -23.88 16.08 31.65
N ASN B 89 -24.94 15.37 32.02
CA ASN B 89 -26.27 15.96 32.18
C ASN B 89 -26.80 15.82 33.59
N ARG B 90 -25.92 15.61 34.57
CA ARG B 90 -26.24 15.66 35.98
C ARG B 90 -25.05 16.31 36.66
N GLU B 91 -25.17 16.63 37.95
CA GLU B 91 -24.02 17.16 38.65
C GLU B 91 -22.88 16.15 38.63
N LEU B 92 -21.65 16.63 38.48
CA LEU B 92 -20.51 15.76 38.67
C LEU B 92 -20.33 15.47 40.15
N SER B 93 -20.29 14.19 40.50
CA SER B 93 -19.97 13.77 41.85
C SER B 93 -19.06 12.55 41.78
N GLU B 94 -18.16 12.44 42.77
CA GLU B 94 -17.47 11.17 42.95
C GLU B 94 -18.44 10.11 43.45
N ASP B 95 -19.46 10.53 44.19
CA ASP B 95 -20.63 9.70 44.48
C ASP B 95 -21.44 9.48 43.20
N CYS B 96 -21.08 8.46 42.42
CA CYS B 96 -21.65 8.32 41.08
C CYS B 96 -21.90 6.88 40.66
N LEU B 97 -21.70 5.89 41.54
CA LEU B 97 -21.76 4.47 41.19
C LEU B 97 -23.18 3.93 41.41
N TYR B 98 -24.05 4.24 40.45
CA TYR B 98 -25.43 3.82 40.46
C TYR B 98 -25.71 3.16 39.12
N LEU B 99 -26.76 2.33 39.07
CA LEU B 99 -27.16 1.69 37.81
C LEU B 99 -28.66 1.83 37.60
N ASN B 100 -29.10 1.52 36.37
CA ASN B 100 -30.48 1.70 35.95
C ASN B 100 -31.03 0.45 35.31
N VAL B 101 -32.33 0.20 35.53
CA VAL B 101 -33.00 -0.97 34.96
C VAL B 101 -34.26 -0.48 34.24
N TRP B 102 -34.38 -0.80 32.96
CA TRP B 102 -35.65 -0.70 32.26
C TRP B 102 -36.21 -2.10 32.03
N THR B 103 -37.50 -2.27 32.31
CA THR B 103 -38.14 -3.56 32.17
C THR B 103 -39.55 -3.36 31.59
N PRO B 104 -40.06 -4.34 30.83
CA PRO B 104 -41.37 -4.16 30.16
C PRO B 104 -42.48 -3.90 31.16
N TYR B 105 -43.54 -3.17 30.69
CA TYR B 105 -44.51 -2.67 31.65
C TYR B 105 -45.10 -3.84 32.41
N PRO B 106 -45.99 -4.68 31.81
CA PRO B 106 -46.40 -5.85 32.59
C PRO B 106 -45.16 -6.71 32.67
N ARG B 107 -44.54 -6.72 33.85
CA ARG B 107 -43.24 -7.31 34.02
C ARG B 107 -43.25 -8.73 33.45
N PRO B 108 -42.24 -9.11 32.66
CA PRO B 108 -42.33 -10.34 31.87
C PRO B 108 -42.55 -11.56 32.74
N THR B 109 -43.42 -12.44 32.25
CA THR B 109 -43.85 -13.57 33.08
C THR B 109 -42.80 -14.65 33.15
N SER B 110 -42.07 -14.84 32.08
CA SER B 110 -41.01 -15.80 31.91
C SER B 110 -39.65 -15.10 31.83
N PRO B 111 -38.55 -15.78 32.22
CA PRO B 111 -37.24 -15.10 32.31
C PRO B 111 -36.75 -14.61 30.96
N THR B 112 -36.68 -13.28 30.78
CA THR B 112 -36.33 -12.69 29.50
C THR B 112 -34.88 -12.23 29.54
N PRO B 113 -34.20 -12.25 28.38
CA PRO B 113 -32.77 -11.92 28.36
C PRO B 113 -32.53 -10.47 28.72
N VAL B 114 -31.32 -10.23 29.22
CA VAL B 114 -30.92 -8.93 29.75
C VAL B 114 -29.81 -8.36 28.88
N LEU B 115 -29.98 -7.14 28.43
CA LEU B 115 -28.94 -6.38 27.74
C LEU B 115 -28.31 -5.44 28.76
N VAL B 116 -27.00 -5.53 28.94
CA VAL B 116 -26.28 -4.58 29.77
C VAL B 116 -25.47 -3.67 28.87
N TRP B 117 -25.65 -2.36 29.02
CA TRP B 117 -24.98 -1.33 28.21
C TRP B 117 -23.78 -0.75 28.96
N ILE B 118 -22.63 -0.66 28.29
CA ILE B 118 -21.44 0.03 28.85
C ILE B 118 -21.06 1.20 27.93
N TYR B 119 -21.19 2.43 28.42
CA TYR B 119 -20.97 3.61 27.58
C TYR B 119 -19.48 3.83 27.31
N GLY B 120 -19.22 4.55 26.21
CA GLY B 120 -17.89 4.92 25.79
C GLY B 120 -17.52 6.35 26.14
N GLY B 121 -16.47 6.84 25.52
CA GLY B 121 -15.98 8.13 25.93
C GLY B 121 -14.50 8.08 26.15
N GLY B 122 -13.85 7.15 25.45
CA GLY B 122 -12.42 6.93 25.56
C GLY B 122 -11.84 6.84 26.95
N PHE B 123 -12.60 6.42 27.94
CA PHE B 123 -12.17 6.22 29.33
C PHE B 123 -11.91 7.53 30.07
N TYR B 124 -12.12 8.68 29.42
CA TYR B 124 -12.02 9.97 30.08
C TYR B 124 -13.37 10.67 30.25
N SER B 125 -14.48 10.04 29.83
CA SER B 125 -15.78 10.72 29.79
C SER B 125 -16.89 9.69 29.73
N GLY B 126 -18.13 10.17 29.75
CA GLY B 126 -19.33 9.38 29.53
C GLY B 126 -20.17 9.25 30.80
N ALA B 127 -21.45 8.93 30.59
CA ALA B 127 -22.40 8.72 31.69
C ALA B 127 -23.61 7.95 31.19
N SER B 128 -24.15 7.06 32.05
CA SER B 128 -25.30 6.24 31.70
C SER B 128 -26.58 7.05 31.55
N SER B 129 -26.58 8.31 31.97
CA SER B 129 -27.77 9.17 31.99
C SER B 129 -27.92 10.04 30.75
N LEU B 130 -27.08 9.86 29.74
CA LEU B 130 -27.20 10.61 28.50
C LEU B 130 -28.44 10.18 27.73
N ASP B 131 -29.00 11.12 26.95
CA ASP B 131 -30.31 10.89 26.34
C ASP B 131 -30.30 9.75 25.33
N VAL B 132 -29.26 9.65 24.50
CA VAL B 132 -29.26 8.60 23.49
C VAL B 132 -29.17 7.21 24.08
N TYR B 133 -28.91 7.08 25.38
CA TYR B 133 -28.85 5.78 26.05
C TYR B 133 -30.16 5.42 26.76
N ASP B 134 -31.24 6.18 26.53
CA ASP B 134 -32.54 5.85 27.10
C ASP B 134 -33.00 4.45 26.69
N GLY B 135 -33.15 3.56 27.66
CA GLY B 135 -33.52 2.20 27.33
C GLY B 135 -34.97 1.98 26.91
N ARG B 136 -35.87 2.91 27.25
CA ARG B 136 -37.30 2.64 27.15
C ARG B 136 -37.71 2.06 25.80
N PHE B 137 -37.16 2.59 24.69
CA PHE B 137 -37.67 2.23 23.37
C PHE B 137 -37.27 0.82 22.99
N LEU B 138 -36.05 0.42 23.35
CA LEU B 138 -35.62 -0.94 23.12
C LEU B 138 -36.40 -1.93 24.00
N VAL B 139 -36.62 -1.57 25.26
CA VAL B 139 -37.31 -2.47 26.18
C VAL B 139 -38.78 -2.62 25.82
N GLN B 140 -39.42 -1.54 25.33
CA GLN B 140 -40.83 -1.61 24.96
C GLN B 140 -41.04 -2.38 23.65
N ALA B 141 -40.10 -2.26 22.72
CA ALA B 141 -40.25 -2.81 21.38
C ALA B 141 -39.81 -4.26 21.27
N GLU B 142 -38.95 -4.71 22.18
CA GLU B 142 -38.41 -6.07 22.13
C GLU B 142 -38.59 -6.84 23.41
N ARG B 143 -39.12 -6.22 24.46
CA ARG B 143 -39.44 -6.89 25.73
C ARG B 143 -38.26 -7.67 26.29
N THR B 144 -37.08 -7.07 26.21
CA THR B 144 -35.93 -7.54 26.98
C THR B 144 -35.77 -6.62 28.17
N VAL B 145 -34.99 -7.05 29.14
CA VAL B 145 -34.60 -6.17 30.22
C VAL B 145 -33.33 -5.44 29.82
N LEU B 146 -33.21 -4.15 30.18
CA LEU B 146 -31.99 -3.40 29.90
C LEU B 146 -31.41 -2.83 31.19
N VAL B 147 -30.08 -2.98 31.31
CA VAL B 147 -29.32 -2.44 32.43
C VAL B 147 -28.23 -1.54 31.88
N SER B 148 -27.94 -0.44 32.58
CA SER B 148 -26.74 0.34 32.32
C SER B 148 -26.22 0.84 33.66
N MET B 149 -24.92 1.00 33.74
CA MET B 149 -24.31 1.44 34.98
C MET B 149 -23.38 2.64 34.71
N ASN B 150 -23.11 3.39 35.76
CA ASN B 150 -22.03 4.37 35.76
C ASN B 150 -20.75 3.70 36.25
N TYR B 151 -19.63 4.00 35.59
CA TYR B 151 -18.32 3.59 36.07
C TYR B 151 -17.39 4.79 36.08
N ARG B 152 -16.46 4.77 37.04
CA ARG B 152 -15.46 5.82 37.16
C ARG B 152 -14.62 5.90 35.88
N VAL B 153 -14.30 7.12 35.45
CA VAL B 153 -13.48 7.36 34.28
C VAL B 153 -12.32 8.25 34.68
N GLY B 154 -11.42 8.50 33.72
CA GLY B 154 -10.29 9.36 33.98
C GLY B 154 -9.38 8.77 35.03
N ALA B 155 -8.73 9.65 35.79
CA ALA B 155 -7.84 9.17 36.85
C ALA B 155 -8.63 8.50 37.97
N PHE B 156 -9.88 8.88 38.17
CA PHE B 156 -10.65 8.29 39.27
C PHE B 156 -10.92 6.81 39.04
N GLY B 157 -10.98 6.37 37.79
CA GLY B 157 -11.22 4.99 37.49
C GLY B 157 -9.97 4.24 37.04
N PHE B 158 -8.89 4.96 36.69
CA PHE B 158 -7.80 4.25 36.05
C PHE B 158 -6.42 4.69 36.43
N LEU B 159 -6.27 5.62 37.37
CA LEU B 159 -4.93 5.92 37.87
C LEU B 159 -4.39 4.68 38.57
N ALA B 160 -3.15 4.31 38.23
CA ALA B 160 -2.57 3.10 38.79
C ALA B 160 -1.14 3.36 39.21
N LEU B 161 -0.80 2.96 40.42
CA LEU B 161 0.58 2.80 40.84
C LEU B 161 0.80 1.31 41.02
N PRO B 162 1.16 0.56 39.95
CA PRO B 162 1.23 -0.90 40.06
C PRO B 162 2.05 -1.39 41.24
N GLY B 163 1.39 -2.22 42.05
CA GLY B 163 1.97 -2.78 43.25
C GLY B 163 1.65 -2.05 44.52
N SER B 164 0.64 -1.18 44.53
CA SER B 164 0.45 -0.25 45.63
C SER B 164 -0.57 -0.70 46.65
N ARG B 165 -1.66 -1.32 46.21
CA ARG B 165 -2.81 -1.67 47.06
C ARG B 165 -3.59 -0.40 47.41
N GLU B 166 -2.96 0.77 47.19
CA GLU B 166 -3.54 2.10 47.30
C GLU B 166 -4.19 2.56 46.00
N ALA B 167 -3.54 2.29 44.86
CA ALA B 167 -4.08 2.59 43.54
C ALA B 167 -3.77 1.42 42.63
N PRO B 168 -4.53 0.34 42.75
CA PRO B 168 -4.20 -0.88 41.99
C PRO B 168 -4.49 -0.77 40.51
N GLY B 169 -5.32 0.17 40.09
CA GLY B 169 -5.63 0.33 38.69
C GLY B 169 -6.82 -0.51 38.29
N ASN B 170 -7.37 -0.17 37.13
CA ASN B 170 -8.56 -0.79 36.56
C ASN B 170 -9.78 -0.76 37.47
N VAL B 171 -9.81 0.11 38.48
CA VAL B 171 -10.99 0.14 39.34
C VAL B 171 -12.24 0.61 38.57
N GLY B 172 -12.08 1.29 37.44
CA GLY B 172 -13.25 1.62 36.67
C GLY B 172 -13.86 0.39 36.06
N LEU B 173 -13.01 -0.56 35.66
CA LEU B 173 -13.47 -1.86 35.16
C LEU B 173 -14.04 -2.72 36.27
N LEU B 174 -13.42 -2.70 37.45
CA LEU B 174 -14.03 -3.35 38.60
C LEU B 174 -15.41 -2.79 38.89
N ASP B 175 -15.58 -1.46 38.76
CA ASP B 175 -16.89 -0.84 38.85
C ASP B 175 -17.90 -1.56 37.98
N GLN B 176 -17.58 -1.74 36.69
CA GLN B 176 -18.48 -2.46 35.79
C GLN B 176 -18.73 -3.90 36.25
N ARG B 177 -17.68 -4.60 36.70
CA ARG B 177 -17.87 -5.98 37.12
C ARG B 177 -18.77 -6.06 38.33
N LEU B 178 -18.62 -5.12 39.28
CA LEU B 178 -19.53 -5.06 40.42
C LEU B 178 -20.98 -4.94 39.98
N ALA B 179 -21.24 -4.16 38.92
CA ALA B 179 -22.63 -4.04 38.46
C ALA B 179 -23.09 -5.32 37.80
N LEU B 180 -22.22 -5.97 37.02
CA LEU B 180 -22.57 -7.28 36.46
C LEU B 180 -22.88 -8.28 37.57
N GLN B 181 -22.10 -8.26 38.66
CA GLN B 181 -22.41 -9.09 39.82
C GLN B 181 -23.78 -8.73 40.37
N TRP B 182 -24.11 -7.44 40.42
CA TRP B 182 -25.42 -7.01 40.89
C TRP B 182 -26.51 -7.56 39.98
N VAL B 183 -26.30 -7.48 38.67
CA VAL B 183 -27.28 -8.02 37.73
C VAL B 183 -27.49 -9.51 37.96
N GLN B 184 -26.39 -10.23 38.21
CA GLN B 184 -26.51 -11.66 38.48
C GLN B 184 -27.36 -11.91 39.71
N GLU B 185 -27.24 -11.05 40.72
CA GLU B 185 -27.95 -11.30 41.95
C GLU B 185 -29.37 -10.76 41.92
N ASN B 186 -29.65 -9.76 41.10
CA ASN B 186 -30.89 -9.00 41.30
C ASN B 186 -31.79 -8.87 40.08
N VAL B 187 -31.28 -8.98 38.85
CA VAL B 187 -32.15 -8.76 37.70
C VAL B 187 -33.33 -9.72 37.70
N ALA B 188 -33.21 -10.84 38.41
CA ALA B 188 -34.35 -11.74 38.56
C ALA B 188 -35.56 -11.00 39.13
N ALA B 189 -35.34 -10.08 40.06
CA ALA B 189 -36.43 -9.27 40.61
C ALA B 189 -37.22 -8.50 39.53
N PHE B 190 -36.62 -8.22 38.38
CA PHE B 190 -37.28 -7.44 37.34
C PHE B 190 -37.74 -8.30 36.18
N GLY B 191 -37.79 -9.62 36.35
CA GLY B 191 -38.17 -10.50 35.26
C GLY B 191 -37.06 -10.87 34.30
N GLY B 192 -35.79 -10.61 34.69
CA GLY B 192 -34.67 -10.84 33.83
C GLY B 192 -34.04 -12.17 34.13
N ASP B 193 -33.33 -12.71 33.14
CA ASP B 193 -32.70 -14.03 33.21
C ASP B 193 -31.21 -13.87 33.42
N PRO B 194 -30.67 -14.17 34.60
CA PRO B 194 -29.22 -14.06 34.80
C PRO B 194 -28.43 -15.04 33.95
N THR B 195 -29.08 -16.05 33.34
CA THR B 195 -28.38 -16.99 32.49
C THR B 195 -28.40 -16.59 31.00
N SER B 196 -28.81 -15.35 30.70
CA SER B 196 -28.87 -14.87 29.31
C SER B 196 -28.51 -13.38 29.22
N VAL B 197 -27.35 -13.01 29.77
CA VAL B 197 -26.90 -11.63 29.84
C VAL B 197 -25.98 -11.32 28.66
N THR B 198 -26.34 -10.32 27.86
CA THR B 198 -25.52 -9.87 26.73
C THR B 198 -24.99 -8.47 27.01
N LEU B 199 -23.67 -8.32 27.05
CA LEU B 199 -23.03 -7.01 27.18
C LEU B 199 -23.01 -6.30 25.83
N PHE B 200 -23.32 -5.01 25.81
CA PHE B 200 -23.02 -4.24 24.61
C PHE B 200 -22.55 -2.85 24.98
N GLY B 201 -21.55 -2.36 24.24
CA GLY B 201 -20.92 -1.09 24.50
C GLY B 201 -20.42 -0.49 23.20
N GLU B 202 -20.00 0.76 23.30
CA GLU B 202 -19.46 1.49 22.17
C GLU B 202 -18.21 2.20 22.65
N SER B 203 -17.30 2.49 21.71
CA SER B 203 -16.03 3.22 21.97
C SER B 203 -15.30 2.55 23.13
N ALA B 204 -14.93 3.27 24.19
CA ALA B 204 -14.28 2.65 25.34
C ALA B 204 -15.17 1.63 26.03
N GLY B 205 -16.49 1.70 25.84
CA GLY B 205 -17.36 0.65 26.35
C GLY B 205 -17.21 -0.63 25.57
N ALA B 206 -17.04 -0.52 24.25
CA ALA B 206 -16.74 -1.70 23.45
C ALA B 206 -15.39 -2.30 23.85
N ALA B 207 -14.36 -1.47 24.00
CA ALA B 207 -13.10 -1.94 24.58
C ALA B 207 -13.34 -2.58 25.94
N SER B 208 -14.24 -2.01 26.75
CA SER B 208 -14.52 -2.58 28.06
C SER B 208 -15.14 -3.97 27.92
N VAL B 209 -16.17 -4.10 27.08
CA VAL B 209 -16.78 -5.40 26.84
C VAL B 209 -15.72 -6.41 26.45
N GLY B 210 -14.77 -6.00 25.61
CA GLY B 210 -13.69 -6.89 25.21
C GLY B 210 -12.82 -7.34 26.37
N MET B 211 -12.43 -6.42 27.24
CA MET B 211 -11.62 -6.81 28.37
C MET B 211 -12.38 -7.73 29.31
N HIS B 212 -13.70 -7.65 29.32
CA HIS B 212 -14.45 -8.58 30.15
C HIS B 212 -14.36 -9.99 29.59
N LEU B 213 -14.32 -10.13 28.25
CA LEU B 213 -14.06 -11.43 27.64
C LEU B 213 -12.68 -11.99 28.02
N LEU B 214 -11.71 -11.12 28.28
CA LEU B 214 -10.33 -11.50 28.49
C LEU B 214 -10.00 -11.61 29.96
N SER B 215 -10.98 -11.45 30.82
CA SER B 215 -10.75 -11.46 32.26
C SER B 215 -11.64 -12.52 32.89
N PRO B 216 -11.10 -13.64 33.32
CA PRO B 216 -11.92 -14.79 33.70
C PRO B 216 -13.03 -14.43 34.68
N PRO B 217 -12.77 -13.65 35.74
CA PRO B 217 -13.83 -13.47 36.75
C PRO B 217 -15.06 -12.78 36.22
N SER B 218 -14.98 -12.17 35.03
CA SER B 218 -16.15 -11.57 34.38
C SER B 218 -16.86 -12.54 33.47
N ARG B 219 -16.19 -13.60 33.03
CA ARG B 219 -16.83 -14.51 32.11
C ARG B 219 -17.98 -15.26 32.78
N GLY B 220 -17.96 -15.37 34.11
CA GLY B 220 -19.12 -15.97 34.72
C GLY B 220 -20.36 -15.10 34.77
N LEU B 221 -20.28 -13.86 34.29
CA LEU B 221 -21.34 -12.89 34.54
C LEU B 221 -22.06 -12.46 33.27
N PHE B 222 -21.82 -13.10 32.15
CA PHE B 222 -22.54 -12.76 30.92
C PHE B 222 -22.23 -13.87 29.93
N HIS B 223 -22.96 -13.86 28.81
CA HIS B 223 -22.93 -14.98 27.89
C HIS B 223 -22.73 -14.60 26.44
N ARG B 224 -22.98 -13.34 26.08
CA ARG B 224 -22.75 -12.83 24.74
C ARG B 224 -22.25 -11.40 24.86
N ALA B 225 -21.68 -10.92 23.76
CA ALA B 225 -20.91 -9.69 23.77
C ALA B 225 -21.12 -8.98 22.45
N VAL B 226 -21.38 -7.68 22.52
CA VAL B 226 -21.48 -6.82 21.35
C VAL B 226 -20.46 -5.71 21.50
N LEU B 227 -19.60 -5.53 20.50
CA LEU B 227 -18.57 -4.50 20.54
C LEU B 227 -18.75 -3.56 19.34
N GLN B 228 -19.19 -2.31 19.62
CA GLN B 228 -19.45 -1.29 18.60
C GLN B 228 -18.34 -0.24 18.61
N SER B 229 -17.51 -0.24 17.55
CA SER B 229 -16.47 0.79 17.35
C SER B 229 -15.48 0.85 18.50
N GLY B 230 -14.98 -0.30 18.91
CA GLY B 230 -14.02 -0.30 19.99
C GLY B 230 -13.59 -1.73 20.20
N ALA B 231 -12.39 -1.93 20.75
CA ALA B 231 -11.83 -3.26 20.92
C ALA B 231 -10.76 -3.16 21.98
N PRO B 232 -10.52 -4.22 22.76
CA PRO B 232 -9.54 -4.10 23.83
C PRO B 232 -8.12 -4.08 23.33
N ASN B 233 -7.89 -4.55 22.10
CA ASN B 233 -6.56 -4.50 21.50
C ASN B 233 -6.29 -3.21 20.69
N GLY B 234 -7.17 -2.21 20.73
CA GLY B 234 -6.85 -0.91 20.16
C GLY B 234 -5.60 -0.28 20.79
N PRO B 235 -4.88 0.55 20.02
CA PRO B 235 -3.66 1.21 20.56
C PRO B 235 -3.91 2.16 21.72
N TRP B 236 -5.14 2.62 21.89
CA TRP B 236 -5.44 3.61 22.91
C TRP B 236 -6.02 3.01 24.17
N ALA B 237 -6.32 1.71 24.18
CA ALA B 237 -7.18 1.16 25.20
C ALA B 237 -6.44 0.64 26.42
N THR B 238 -5.12 0.48 26.36
CA THR B 238 -4.39 -0.14 27.46
C THR B 238 -3.02 0.51 27.60
N VAL B 239 -2.37 0.23 28.73
CA VAL B 239 -1.12 0.89 29.08
C VAL B 239 -0.30 -0.04 29.95
N GLY B 240 1.03 0.07 29.85
CA GLY B 240 1.89 -0.75 30.67
C GLY B 240 1.94 -0.27 32.11
N MET B 241 2.39 -1.13 33.00
CA MET B 241 2.53 -0.73 34.41
C MET B 241 3.58 0.36 34.58
N GLY B 242 4.62 0.34 33.73
CA GLY B 242 5.65 1.34 33.84
C GLY B 242 5.21 2.68 33.30
N GLU B 243 4.53 2.68 32.15
CA GLU B 243 3.92 3.91 31.68
C GLU B 243 2.89 4.41 32.69
N ALA B 244 2.05 3.51 33.21
CA ALA B 244 1.05 3.90 34.21
C ALA B 244 1.67 4.61 35.41
N ARG B 245 2.87 4.23 35.83
CA ARG B 245 3.48 4.92 36.96
C ARG B 245 3.95 6.31 36.58
N ARG B 246 4.59 6.44 35.42
CA ARG B 246 4.97 7.77 34.94
C ARG B 246 3.76 8.69 34.98
N ARG B 247 2.67 8.28 34.33
CA ARG B 247 1.52 9.15 34.22
C ARG B 247 0.93 9.48 35.59
N ALA B 248 0.88 8.49 36.48
CA ALA B 248 0.39 8.76 37.82
C ALA B 248 1.27 9.78 38.53
N THR B 249 2.57 9.56 38.54
CA THR B 249 3.40 10.51 39.27
C THR B 249 3.54 11.85 38.54
N GLN B 250 3.36 11.89 37.22
CA GLN B 250 3.36 13.18 36.55
C GLN B 250 2.14 13.99 36.95
N LEU B 251 0.97 13.33 37.03
CA LEU B 251 -0.20 14.01 37.57
C LEU B 251 0.05 14.49 38.98
N ALA B 252 0.59 13.63 39.84
CA ALA B 252 0.93 14.09 41.19
C ALA B 252 1.83 15.33 41.17
N HIS B 253 2.72 15.46 40.18
CA HIS B 253 3.57 16.64 40.09
C HIS B 253 2.76 17.86 39.64
N LEU B 254 1.91 17.69 38.62
CA LEU B 254 1.09 18.78 38.13
C LEU B 254 0.14 19.32 39.19
N VAL B 255 -0.18 18.53 40.21
CA VAL B 255 -1.07 18.95 41.27
C VAL B 255 -0.31 19.40 42.53
N GLY B 256 1.01 19.27 42.53
CA GLY B 256 1.84 19.64 43.66
C GLY B 256 1.93 18.59 44.76
N CYS B 257 2.24 17.35 44.38
CA CYS B 257 2.30 16.23 45.32
C CYS B 257 3.69 15.61 45.26
N PRO B 258 4.61 16.03 46.14
CA PRO B 258 5.90 15.34 46.26
C PRO B 258 5.71 13.84 46.27
N PRO B 259 6.57 13.08 45.54
CA PRO B 259 6.31 11.68 45.18
C PRO B 259 6.76 10.66 46.24
N GLY B 264 6.35 5.76 52.96
CA GLY B 264 6.59 5.11 51.68
C GLY B 264 6.18 5.92 50.46
N ASN B 265 7.00 5.89 49.40
CA ASN B 265 6.81 6.79 48.26
C ASN B 265 5.46 6.57 47.59
N ASP B 266 5.08 5.31 47.34
CA ASP B 266 3.78 5.04 46.72
C ASP B 266 2.62 5.47 47.62
N THR B 267 2.80 5.42 48.92
CA THR B 267 1.68 5.71 49.81
C THR B 267 1.55 7.19 50.11
N GLU B 268 2.67 7.88 50.28
CA GLU B 268 2.63 9.33 50.33
C GLU B 268 1.98 9.88 49.08
N LEU B 269 2.49 9.46 47.91
CA LEU B 269 2.04 10.04 46.66
C LEU B 269 0.53 9.89 46.48
N VAL B 270 -0.04 8.75 46.88
CA VAL B 270 -1.48 8.56 46.67
C VAL B 270 -2.28 9.32 47.72
N ALA B 271 -1.87 9.24 48.99
CA ALA B 271 -2.58 9.96 50.02
C ALA B 271 -2.65 11.45 49.73
N CYS B 272 -1.61 12.02 49.11
CA CYS B 272 -1.65 13.42 48.70
C CYS B 272 -2.69 13.64 47.61
N LEU B 273 -2.62 12.88 46.52
CA LEU B 273 -3.66 12.97 45.50
C LEU B 273 -5.06 12.87 46.09
N ARG B 274 -5.25 12.08 47.16
CA ARG B 274 -6.58 11.94 47.73
C ARG B 274 -7.07 13.26 48.32
N THR B 275 -6.18 14.08 48.89
CA THR B 275 -6.61 15.33 49.49
C THR B 275 -7.06 16.37 48.45
N ARG B 276 -6.57 16.30 47.24
CA ARG B 276 -6.85 17.32 46.24
C ARG B 276 -8.31 17.24 45.80
N PRO B 277 -8.99 18.39 45.65
CA PRO B 277 -10.40 18.36 45.24
C PRO B 277 -10.56 17.78 43.85
N ALA B 278 -11.70 17.12 43.62
CA ALA B 278 -11.82 16.30 42.42
C ALA B 278 -11.63 17.11 41.15
N GLN B 279 -12.09 18.38 41.14
CA GLN B 279 -12.01 19.13 39.89
C GLN B 279 -10.57 19.43 39.53
N VAL B 280 -9.72 19.68 40.53
CA VAL B 280 -8.30 19.92 40.27
C VAL B 280 -7.66 18.73 39.56
N LEU B 281 -8.05 17.50 39.90
CA LEU B 281 -7.47 16.37 39.18
C LEU B 281 -7.99 16.32 37.76
N VAL B 282 -9.28 16.59 37.55
CA VAL B 282 -9.79 16.61 36.18
C VAL B 282 -9.03 17.63 35.36
N ASN B 283 -8.68 18.77 35.96
CA ASN B 283 -8.08 19.87 35.21
C ASN B 283 -6.75 19.48 34.60
N HIS B 284 -5.99 18.62 35.25
CA HIS B 284 -4.66 18.31 34.78
C HIS B 284 -4.53 16.95 34.14
N GLU B 285 -5.61 16.16 34.08
CA GLU B 285 -5.58 14.82 33.52
C GLU B 285 -4.95 14.80 32.13
N TRP B 286 -5.34 15.75 31.27
CA TRP B 286 -4.87 15.74 29.90
C TRP B 286 -3.49 16.36 29.77
N HIS B 287 -3.07 17.16 30.74
CA HIS B 287 -1.76 17.77 30.67
C HIS B 287 -0.67 16.84 31.14
N VAL B 288 -1.01 15.65 31.62
CA VAL B 288 0.00 14.63 31.89
C VAL B 288 0.69 14.22 30.61
N LEU B 289 -0.08 14.06 29.54
CA LEU B 289 0.44 13.81 28.21
C LEU B 289 -0.22 14.81 27.27
N PRO B 290 0.41 15.98 27.06
CA PRO B 290 -0.17 16.97 26.15
C PRO B 290 -0.11 16.46 24.72
N GLN B 291 -1.25 16.55 24.05
CA GLN B 291 -1.40 16.17 22.66
C GLN B 291 -2.44 17.08 22.03
N GLU B 292 -2.65 16.91 20.72
CA GLU B 292 -3.54 17.82 20.00
C GLU B 292 -4.98 17.32 19.95
N SER B 293 -5.21 16.01 20.00
CA SER B 293 -6.57 15.51 19.91
C SER B 293 -6.90 14.58 21.07
N VAL B 294 -7.39 13.38 20.76
CA VAL B 294 -8.08 12.51 21.71
C VAL B 294 -7.50 11.11 21.80
N PHE B 295 -6.79 10.64 20.79
CA PHE B 295 -5.98 9.43 20.91
C PHE B 295 -5.13 9.54 22.17
N ARG B 296 -4.85 8.42 22.81
CA ARG B 296 -3.88 8.38 23.92
C ARG B 296 -4.19 9.34 25.09
N PHE B 297 -5.43 9.27 25.60
CA PHE B 297 -5.71 9.76 26.94
C PHE B 297 -4.92 8.92 27.95
N SER B 298 -4.48 9.55 29.03
CA SER B 298 -3.36 8.99 29.78
C SER B 298 -3.78 8.02 30.87
N PHE B 299 -5.05 8.03 31.29
CA PHE B 299 -5.51 7.11 32.33
C PHE B 299 -6.51 6.13 31.71
N VAL B 300 -5.99 5.03 31.17
CA VAL B 300 -6.76 3.94 30.57
C VAL B 300 -6.52 2.65 31.38
N PRO B 301 -7.18 1.52 31.04
CA PRO B 301 -6.85 0.26 31.72
C PRO B 301 -5.37 -0.10 31.65
N VAL B 302 -4.83 -0.56 32.78
CA VAL B 302 -3.43 -0.97 32.88
C VAL B 302 -3.32 -2.49 32.78
N VAL B 303 -2.29 -2.98 32.09
CA VAL B 303 -1.98 -4.40 32.08
C VAL B 303 -1.21 -4.77 33.35
N ASP B 304 -1.96 -5.04 34.43
CA ASP B 304 -1.40 -5.30 35.77
C ASP B 304 -1.14 -6.79 36.05
N GLY B 305 -1.67 -7.72 35.25
CA GLY B 305 -1.60 -9.11 35.60
C GLY B 305 -2.65 -9.58 36.59
N ASP B 306 -3.51 -8.69 37.09
CA ASP B 306 -4.68 -9.11 37.85
C ASP B 306 -5.88 -9.07 36.90
N PHE B 307 -6.42 -7.87 36.66
CA PHE B 307 -7.58 -7.80 35.78
C PHE B 307 -7.20 -8.24 34.38
N LEU B 308 -6.05 -7.83 33.90
CA LEU B 308 -5.55 -8.22 32.59
C LEU B 308 -4.24 -8.94 32.83
N SER B 309 -4.28 -10.27 32.81
CA SER B 309 -3.11 -11.07 33.13
C SER B 309 -1.99 -10.87 32.11
N ASP B 310 -2.35 -10.55 30.87
CA ASP B 310 -1.36 -10.23 29.86
C ASP B 310 -1.95 -9.15 28.97
N THR B 311 -1.16 -8.73 27.98
CA THR B 311 -1.68 -7.75 27.03
C THR B 311 -2.90 -8.29 26.32
N PRO B 312 -3.82 -7.43 25.89
CA PRO B 312 -5.00 -7.96 25.18
C PRO B 312 -4.62 -8.76 23.95
N GLU B 313 -3.60 -8.34 23.21
CA GLU B 313 -3.26 -9.08 22.02
C GLU B 313 -2.80 -10.50 22.36
N ALA B 314 -2.02 -10.65 23.44
CA ALA B 314 -1.68 -11.98 23.96
C ALA B 314 -2.91 -12.75 24.38
N LEU B 315 -3.81 -12.11 25.15
CA LEU B 315 -4.95 -12.82 25.71
C LEU B 315 -5.91 -13.25 24.61
N ILE B 316 -5.93 -12.51 23.51
CA ILE B 316 -6.81 -12.84 22.40
C ILE B 316 -6.29 -14.04 21.62
N ASN B 317 -4.97 -14.16 21.48
CA ASN B 317 -4.51 -15.17 20.53
C ASN B 317 -4.63 -16.57 21.12
N ALA B 318 -4.76 -16.71 22.44
CA ALA B 318 -4.93 -18.01 23.07
C ALA B 318 -5.94 -17.83 24.20
N GLY B 319 -7.22 -18.01 23.89
CA GLY B 319 -8.28 -17.70 24.83
C GLY B 319 -9.42 -18.70 24.73
N ASP B 320 -10.32 -18.60 25.70
CA ASP B 320 -11.45 -19.51 25.83
C ASP B 320 -12.62 -18.87 25.10
N PHE B 321 -12.71 -19.12 23.79
CA PHE B 321 -13.67 -18.41 22.97
C PHE B 321 -14.64 -19.28 22.23
N HIS B 322 -14.40 -20.58 22.14
CA HIS B 322 -15.37 -21.44 21.48
C HIS B 322 -16.73 -21.35 22.14
N GLY B 323 -17.77 -21.24 21.33
CA GLY B 323 -19.12 -21.15 21.85
C GLY B 323 -19.56 -19.75 22.22
N LEU B 324 -18.68 -18.77 22.13
CA LEU B 324 -19.05 -17.41 22.45
C LEU B 324 -19.74 -16.81 21.24
N GLN B 325 -20.86 -16.14 21.45
CA GLN B 325 -21.48 -15.37 20.38
C GLN B 325 -21.08 -13.90 20.51
N VAL B 326 -20.55 -13.33 19.43
CA VAL B 326 -20.04 -11.96 19.45
C VAL B 326 -20.63 -11.22 18.26
N LEU B 327 -21.11 -10.01 18.50
CA LEU B 327 -21.55 -9.10 17.45
C LEU B 327 -20.64 -7.88 17.45
N VAL B 328 -20.19 -7.46 16.27
CA VAL B 328 -19.01 -6.61 16.14
C VAL B 328 -19.17 -5.70 14.92
N GLY B 329 -18.80 -4.42 15.08
CA GLY B 329 -18.96 -3.53 13.93
C GLY B 329 -18.35 -2.15 14.13
N VAL B 330 -18.34 -1.39 13.03
CA VAL B 330 -17.78 -0.04 12.99
C VAL B 330 -18.73 0.87 12.22
N VAL B 331 -18.51 2.17 12.33
CA VAL B 331 -19.25 3.13 11.51
C VAL B 331 -18.42 3.40 10.25
N LYS B 332 -19.07 3.99 9.24
CA LYS B 332 -18.41 4.15 7.93
C LYS B 332 -17.22 5.08 7.99
N ASP B 333 -17.29 6.13 8.81
CA ASP B 333 -16.24 7.15 8.88
C ASP B 333 -15.74 7.24 10.31
N GLU B 334 -15.05 6.18 10.78
CA GLU B 334 -14.60 6.14 12.17
C GLU B 334 -13.64 7.27 12.53
N GLY B 335 -12.95 7.85 11.56
CA GLY B 335 -11.85 8.73 11.90
C GLY B 335 -12.21 10.18 12.16
N SER B 336 -13.21 10.68 11.41
CA SER B 336 -13.41 12.12 11.23
C SER B 336 -13.71 12.86 12.53
N TYR B 337 -14.46 12.23 13.44
CA TYR B 337 -14.79 12.90 14.70
C TYR B 337 -13.53 13.25 15.49
N PHE B 338 -12.55 12.37 15.53
CA PHE B 338 -11.34 12.65 16.29
C PHE B 338 -10.55 13.80 15.67
N LEU B 339 -10.59 13.91 14.35
CA LEU B 339 -9.77 14.92 13.68
C LEU B 339 -10.21 16.32 14.09
N VAL B 340 -11.52 16.49 14.28
CA VAL B 340 -12.11 17.77 14.66
C VAL B 340 -11.59 18.25 16.00
N TYR B 341 -11.08 17.34 16.83
CA TYR B 341 -10.63 17.65 18.18
C TYR B 341 -9.16 18.01 18.25
N GLY B 342 -8.54 18.41 17.14
CA GLY B 342 -7.19 18.91 17.23
C GLY B 342 -6.22 18.53 16.13
N ALA B 343 -6.67 17.86 15.10
CA ALA B 343 -5.82 17.69 13.94
C ALA B 343 -5.58 19.05 13.28
N PRO B 344 -4.34 19.38 12.93
CA PRO B 344 -4.05 20.73 12.40
C PRO B 344 -4.83 21.05 11.13
N GLY B 345 -5.65 22.10 11.21
CA GLY B 345 -6.44 22.56 10.07
C GLY B 345 -7.85 22.06 10.01
N PHE B 346 -8.38 21.50 11.10
CA PHE B 346 -9.69 20.86 11.14
C PHE B 346 -10.65 21.67 12.01
N SER B 347 -11.83 21.97 11.45
CA SER B 347 -12.97 22.47 12.19
C SER B 347 -14.25 21.90 11.61
N LYS B 348 -15.30 21.83 12.44
CA LYS B 348 -16.63 21.50 11.93
C LYS B 348 -17.24 22.63 11.12
N ASP B 349 -16.58 23.77 11.03
CA ASP B 349 -17.23 24.93 10.43
C ASP B 349 -16.66 25.28 9.06
N ASN B 350 -15.62 24.60 8.59
CA ASN B 350 -15.20 24.74 7.20
C ASN B 350 -15.01 23.35 6.61
N GLU B 351 -14.50 23.26 5.40
CA GLU B 351 -14.41 21.95 4.77
C GLU B 351 -13.20 21.15 5.23
N SER B 352 -12.40 21.68 6.17
CA SER B 352 -11.19 21.00 6.65
C SER B 352 -10.27 20.60 5.49
N LEU B 353 -10.06 21.53 4.57
CA LEU B 353 -9.28 21.26 3.37
C LEU B 353 -7.82 21.45 3.73
N ILE B 354 -7.20 20.40 4.27
CA ILE B 354 -5.87 20.52 4.82
C ILE B 354 -4.83 20.48 3.71
N SER B 355 -3.66 21.01 4.03
CA SER B 355 -2.51 20.98 3.17
C SER B 355 -1.71 19.71 3.41
N ARG B 356 -0.75 19.45 2.52
CA ARG B 356 0.13 18.31 2.74
C ARG B 356 0.88 18.43 4.07
N ALA B 357 1.31 19.66 4.39
CA ALA B 357 2.03 19.90 5.64
C ALA B 357 1.19 19.51 6.85
N GLU B 358 -0.10 19.91 6.84
CA GLU B 358 -0.99 19.53 7.94
C GLU B 358 -1.34 18.03 7.89
N PHE B 359 -1.34 17.43 6.69
CA PHE B 359 -1.62 16.01 6.62
C PHE B 359 -0.48 15.22 7.25
N LEU B 360 0.75 15.56 6.89
CA LEU B 360 1.91 14.88 7.47
C LEU B 360 1.89 15.03 8.99
N ALA B 361 1.63 16.25 9.46
CA ALA B 361 1.58 16.50 10.91
C ALA B 361 0.43 15.74 11.57
N GLY B 362 -0.70 15.63 10.88
CA GLY B 362 -1.84 14.93 11.47
C GLY B 362 -1.63 13.42 11.55
N VAL B 363 -0.76 12.87 10.71
CA VAL B 363 -0.41 11.46 10.81
C VAL B 363 0.28 11.17 12.14
N ARG B 364 1.18 12.07 12.57
CA ARG B 364 1.84 11.88 13.87
C ARG B 364 0.89 12.16 15.02
N VAL B 365 -0.23 12.83 14.77
CA VAL B 365 -1.15 13.06 15.86
C VAL B 365 -2.05 11.85 16.06
N GLY B 366 -2.58 11.31 14.96
CA GLY B 366 -3.49 10.19 15.05
C GLY B 366 -2.78 8.87 15.23
N VAL B 367 -1.56 8.75 14.73
CA VAL B 367 -0.71 7.59 14.95
C VAL B 367 0.45 8.06 15.83
N PRO B 368 0.24 8.25 17.12
CA PRO B 368 1.35 8.66 17.99
C PRO B 368 2.23 7.48 18.38
N GLN B 369 3.40 7.83 18.89
CA GLN B 369 4.36 6.87 19.42
C GLN B 369 4.68 5.76 18.42
N VAL B 370 5.16 6.18 17.24
CA VAL B 370 5.71 5.31 16.23
C VAL B 370 6.94 6.00 15.63
N SER B 371 7.88 5.18 15.14
CA SER B 371 9.16 5.72 14.66
C SER B 371 8.95 6.62 13.45
N ASP B 372 9.93 7.47 13.20
CA ASP B 372 9.83 8.31 12.01
C ASP B 372 9.65 7.46 10.76
N LEU B 373 10.32 6.29 10.70
CA LEU B 373 10.18 5.39 9.56
C LEU B 373 8.78 4.79 9.49
N ALA B 374 8.22 4.41 10.64
CA ALA B 374 6.85 3.90 10.66
C ALA B 374 5.88 4.91 10.09
N ALA B 375 5.99 6.18 10.52
CA ALA B 375 5.11 7.24 10.06
C ALA B 375 5.22 7.46 8.55
N GLU B 376 6.43 7.35 8.00
CA GLU B 376 6.61 7.42 6.55
C GLU B 376 5.88 6.30 5.84
N ALA B 377 5.91 5.08 6.40
CA ALA B 377 5.11 3.99 5.84
C ALA B 377 3.65 4.36 5.77
N VAL B 378 3.12 4.97 6.83
CA VAL B 378 1.72 5.39 6.83
C VAL B 378 1.47 6.39 5.73
N VAL B 379 2.28 7.44 5.68
CA VAL B 379 2.08 8.48 4.68
C VAL B 379 2.10 7.88 3.29
N LEU B 380 3.18 7.16 2.98
CA LEU B 380 3.34 6.59 1.66
C LEU B 380 2.25 5.58 1.35
N HIS B 381 1.53 5.12 2.37
CA HIS B 381 0.43 4.19 2.14
C HIS B 381 -0.88 4.88 1.83
N TYR B 382 -1.19 5.98 2.52
CA TYR B 382 -2.49 6.63 2.42
C TYR B 382 -2.49 7.86 1.51
N THR B 383 -1.32 8.39 1.16
CA THR B 383 -1.25 9.37 0.09
C THR B 383 -1.79 8.79 -1.20
N ASP B 384 -2.43 9.63 -1.99
CA ASP B 384 -2.84 9.31 -3.35
C ASP B 384 -1.75 9.88 -4.27
N TRP B 385 -0.83 9.03 -4.71
CA TRP B 385 0.32 9.61 -5.40
C TRP B 385 -0.03 10.17 -6.78
N LEU B 386 -1.30 10.15 -7.18
CA LEU B 386 -1.71 10.85 -8.39
C LEU B 386 -2.19 12.27 -8.09
N HIS B 387 -2.77 12.45 -6.89
CA HIS B 387 -3.25 13.73 -6.39
C HIS B 387 -2.77 13.82 -4.95
N PRO B 388 -1.47 14.07 -4.75
CA PRO B 388 -0.93 14.15 -3.38
C PRO B 388 -1.10 15.50 -2.72
N GLU B 389 -1.51 16.51 -3.48
CA GLU B 389 -1.73 17.86 -2.97
C GLU B 389 -3.20 18.19 -2.73
N ASP B 390 -4.10 17.50 -3.43
CA ASP B 390 -5.54 17.61 -3.31
C ASP B 390 -5.96 17.65 -1.84
N PRO B 391 -6.49 18.79 -1.39
CA PRO B 391 -6.84 18.91 0.04
C PRO B 391 -8.00 18.03 0.47
N ALA B 392 -9.01 17.84 -0.39
CA ALA B 392 -10.13 17.01 -0.02
C ALA B 392 -9.70 15.57 0.18
N ARG B 393 -8.88 15.06 -0.75
CA ARG B 393 -8.38 13.70 -0.62
C ARG B 393 -7.55 13.56 0.64
N LEU B 394 -6.63 14.49 0.87
CA LEU B 394 -5.86 14.47 2.11
C LEU B 394 -6.76 14.41 3.34
N ARG B 395 -7.87 15.13 3.32
CA ARG B 395 -8.76 15.15 4.48
C ARG B 395 -9.37 13.78 4.73
N GLU B 396 -9.95 13.17 3.69
CA GLU B 396 -10.47 11.83 3.82
C GLU B 396 -9.37 10.85 4.17
N ALA B 397 -8.20 11.00 3.53
CA ALA B 397 -7.07 10.12 3.77
C ALA B 397 -6.71 10.07 5.24
N LEU B 398 -6.48 11.24 5.85
CA LEU B 398 -6.13 11.27 7.26
C LEU B 398 -7.25 10.73 8.14
N SER B 399 -8.50 10.94 7.74
CA SER B 399 -9.61 10.33 8.46
C SER B 399 -9.47 8.82 8.46
N ASP B 400 -9.15 8.24 7.30
CA ASP B 400 -8.98 6.79 7.22
C ASP B 400 -7.77 6.33 8.01
N VAL B 401 -6.64 7.04 7.91
CA VAL B 401 -5.48 6.67 8.74
C VAL B 401 -5.91 6.48 10.20
N VAL B 402 -6.50 7.52 10.80
CA VAL B 402 -6.76 7.43 12.22
C VAL B 402 -7.96 6.50 12.50
N GLY B 403 -8.92 6.45 11.57
CA GLY B 403 -10.03 5.53 11.72
C GLY B 403 -9.58 4.09 11.66
N ASP B 404 -8.79 3.75 10.65
CA ASP B 404 -8.21 2.41 10.52
C ASP B 404 -7.35 2.06 11.72
N HIS B 405 -6.39 2.91 12.07
CA HIS B 405 -5.43 2.58 13.10
C HIS B 405 -6.10 2.37 14.45
N ASN B 406 -7.06 3.23 14.80
CA ASN B 406 -7.57 3.22 16.16
C ASN B 406 -8.82 2.37 16.35
N VAL B 407 -9.64 2.21 15.32
CA VAL B 407 -10.89 1.48 15.49
C VAL B 407 -10.99 0.30 14.53
N VAL B 408 -11.02 0.56 13.22
CA VAL B 408 -11.44 -0.49 12.30
C VAL B 408 -10.52 -1.70 12.38
N CYS B 409 -9.23 -1.50 12.19
CA CYS B 409 -8.31 -2.63 12.18
C CYS B 409 -8.17 -3.37 13.51
N PRO B 410 -8.17 -2.71 14.69
CA PRO B 410 -8.23 -3.49 15.93
C PRO B 410 -9.49 -4.34 16.04
N VAL B 411 -10.63 -3.83 15.54
CA VAL B 411 -11.85 -4.61 15.58
C VAL B 411 -11.80 -5.75 14.57
N ALA B 412 -11.25 -5.50 13.38
CA ALA B 412 -11.09 -6.58 12.40
C ALA B 412 -10.16 -7.64 12.94
N GLN B 413 -9.12 -7.23 13.66
CA GLN B 413 -8.21 -8.20 14.24
C GLN B 413 -8.92 -9.05 15.29
N LEU B 414 -9.65 -8.40 16.21
CA LEU B 414 -10.37 -9.17 17.23
C LEU B 414 -11.37 -10.12 16.59
N ALA B 415 -12.06 -9.67 15.55
CA ALA B 415 -13.14 -10.47 14.97
C ALA B 415 -12.60 -11.78 14.42
N GLY B 416 -11.53 -11.69 13.61
CA GLY B 416 -10.99 -12.87 12.98
C GLY B 416 -10.34 -13.81 13.97
N ARG B 417 -9.74 -13.26 15.03
CA ARG B 417 -9.09 -14.15 15.98
C ARG B 417 -10.11 -14.87 16.87
N LEU B 418 -11.16 -14.17 17.32
CA LEU B 418 -12.27 -14.85 17.95
C LEU B 418 -12.84 -15.93 17.03
N ALA B 419 -13.21 -15.55 15.81
CA ALA B 419 -13.81 -16.49 14.89
C ALA B 419 -12.90 -17.69 14.67
N ALA B 420 -11.59 -17.46 14.63
CA ALA B 420 -10.66 -18.54 14.37
C ALA B 420 -10.66 -19.58 15.49
N GLN B 421 -10.85 -19.13 16.73
CA GLN B 421 -10.85 -20.03 17.87
C GLN B 421 -12.25 -20.47 18.23
N GLY B 422 -13.20 -20.27 17.32
CA GLY B 422 -14.50 -20.88 17.43
C GLY B 422 -15.57 -20.06 18.08
N ALA B 423 -15.46 -18.73 18.09
CA ALA B 423 -16.57 -17.87 18.43
C ALA B 423 -17.47 -17.71 17.21
N ARG B 424 -18.78 -17.57 17.46
CA ARG B 424 -19.75 -17.23 16.41
C ARG B 424 -19.77 -15.72 16.35
N VAL B 425 -19.30 -15.16 15.24
CA VAL B 425 -19.04 -13.73 15.15
C VAL B 425 -19.87 -13.16 14.02
N TYR B 426 -20.53 -12.03 14.29
CA TYR B 426 -21.32 -11.32 13.30
C TYR B 426 -20.80 -9.90 13.21
N ALA B 427 -20.57 -9.42 12.00
CA ALA B 427 -19.90 -8.15 11.77
C ALA B 427 -20.75 -7.25 10.87
N TYR B 428 -20.74 -5.96 11.18
CA TYR B 428 -21.51 -4.97 10.41
C TYR B 428 -20.65 -3.74 10.19
N VAL B 429 -21.05 -2.96 9.19
CA VAL B 429 -20.56 -1.59 9.00
C VAL B 429 -21.79 -0.68 8.93
N PHE B 430 -21.94 0.17 9.93
CA PHE B 430 -23.09 1.08 10.00
C PHE B 430 -22.81 2.28 9.09
N GLU B 431 -23.63 2.43 8.06
CA GLU B 431 -23.31 3.43 7.06
C GLU B 431 -24.55 4.24 6.67
N HIS B 432 -25.30 4.68 7.67
CA HIS B 432 -26.38 5.62 7.47
C HIS B 432 -26.16 6.88 8.31
N ARG B 433 -26.24 8.04 7.66
CA ARG B 433 -26.08 9.33 8.32
C ARG B 433 -27.45 9.88 8.69
N ALA B 434 -27.68 10.11 9.98
CA ALA B 434 -29.00 10.56 10.44
C ALA B 434 -29.37 11.89 9.80
N SER B 435 -30.60 11.98 9.31
CA SER B 435 -31.08 13.24 8.73
C SER B 435 -31.08 14.36 9.75
N THR B 436 -31.07 14.05 11.04
CA THR B 436 -30.95 15.02 12.10
C THR B 436 -29.51 15.47 12.35
N LEU B 437 -28.52 14.72 11.82
CA LEU B 437 -27.12 14.83 12.27
C LEU B 437 -26.59 16.24 12.14
N SER B 438 -25.99 16.74 13.22
CA SER B 438 -25.63 18.17 13.33
C SER B 438 -24.22 18.47 12.86
N TRP B 439 -23.35 17.46 12.80
CA TRP B 439 -21.99 17.66 12.34
C TRP B 439 -21.97 17.92 10.82
N PRO B 440 -20.88 18.48 10.30
CA PRO B 440 -20.87 18.82 8.87
C PRO B 440 -20.86 17.57 8.00
N LEU B 441 -21.21 17.78 6.74
CA LEU B 441 -21.45 16.67 5.82
C LEU B 441 -20.17 15.86 5.53
N TRP B 442 -19.00 16.47 5.65
CA TRP B 442 -17.76 15.80 5.29
C TRP B 442 -17.32 14.80 6.35
N MET B 443 -17.90 14.85 7.55
CA MET B 443 -17.58 13.84 8.53
C MET B 443 -18.37 12.55 8.32
N GLY B 444 -19.35 12.56 7.42
CA GLY B 444 -20.06 11.35 7.05
C GLY B 444 -20.83 10.75 8.21
N VAL B 445 -20.52 9.49 8.53
CA VAL B 445 -21.15 8.78 9.65
C VAL B 445 -20.14 8.71 10.78
N PRO B 446 -20.13 9.67 11.70
CA PRO B 446 -19.01 9.75 12.64
C PRO B 446 -19.14 8.77 13.79
N HIS B 447 -18.00 8.54 14.43
CA HIS B 447 -17.87 7.72 15.63
C HIS B 447 -18.97 8.03 16.65
N GLY B 448 -19.78 7.04 16.95
CA GLY B 448 -20.83 7.16 17.94
C GLY B 448 -22.23 7.45 17.41
N TYR B 449 -22.45 7.48 16.10
CA TYR B 449 -23.73 7.92 15.58
C TYR B 449 -24.57 6.77 15.05
N GLU B 450 -24.22 5.53 15.43
CA GLU B 450 -25.16 4.42 15.32
C GLU B 450 -25.96 4.24 16.60
N ILE B 451 -25.41 4.68 17.73
CA ILE B 451 -26.04 4.46 19.03
C ILE B 451 -27.49 4.92 19.02
N GLU B 452 -27.76 6.11 18.45
CA GLU B 452 -29.12 6.66 18.38
C GLU B 452 -30.10 5.65 17.79
N PHE B 453 -29.66 4.90 16.78
CA PHE B 453 -30.56 4.01 16.07
C PHE B 453 -30.69 2.67 16.79
N ILE B 454 -29.61 2.20 17.41
CA ILE B 454 -29.69 0.95 18.17
C ILE B 454 -30.68 1.10 19.31
N PHE B 455 -30.72 2.29 19.92
CA PHE B 455 -31.59 2.55 21.05
C PHE B 455 -33.01 2.98 20.66
N GLY B 456 -33.31 3.05 19.36
CA GLY B 456 -34.67 3.41 18.96
C GLY B 456 -35.05 4.86 19.22
N ILE B 457 -34.06 5.73 19.38
CA ILE B 457 -34.31 7.15 19.59
C ILE B 457 -35.20 7.71 18.47
N PRO B 458 -35.09 7.27 17.18
CA PRO B 458 -36.03 7.78 16.17
C PRO B 458 -37.50 7.65 16.54
N LEU B 459 -37.84 6.75 17.46
CA LEU B 459 -39.23 6.56 17.88
C LEU B 459 -39.73 7.70 18.76
N ASP B 460 -38.83 8.44 19.39
CA ASP B 460 -39.17 9.57 20.24
C ASP B 460 -39.89 10.64 19.43
N PRO B 461 -41.11 11.01 19.80
CA PRO B 461 -41.87 11.98 18.97
C PRO B 461 -41.24 13.35 18.91
N SER B 462 -40.58 13.80 19.97
CA SER B 462 -40.02 15.15 20.00
C SER B 462 -38.92 15.33 18.95
N ARG B 463 -37.96 14.41 18.90
CA ARG B 463 -36.96 14.42 17.84
C ARG B 463 -37.62 14.00 16.53
N ASN B 464 -37.43 14.79 15.48
CA ASN B 464 -38.09 14.50 14.21
C ASN B 464 -37.07 13.84 13.27
N TYR B 465 -36.91 12.53 13.45
CA TYR B 465 -36.34 11.66 12.44
C TYR B 465 -37.39 11.35 11.38
N THR B 466 -36.98 10.64 10.33
CA THR B 466 -37.82 10.24 9.21
C THR B 466 -38.61 8.98 9.56
N ALA B 467 -39.67 8.70 8.78
CA ALA B 467 -40.33 7.39 8.86
C ALA B 467 -39.41 6.27 8.36
N GLU B 468 -38.70 6.50 7.25
CA GLU B 468 -37.69 5.56 6.80
C GLU B 468 -36.73 5.24 7.95
N GLU B 469 -36.39 6.27 8.74
CA GLU B 469 -35.48 6.11 9.85
C GLU B 469 -36.09 5.38 11.03
N LYS B 470 -37.39 5.53 11.26
CA LYS B 470 -38.04 4.79 12.33
C LYS B 470 -38.07 3.31 12.04
N ILE B 471 -38.43 2.92 10.80
CA ILE B 471 -38.49 1.51 10.49
C ILE B 471 -37.10 0.91 10.52
N PHE B 472 -36.08 1.71 10.11
CA PHE B 472 -34.69 1.30 10.24
C PHE B 472 -34.32 1.03 11.70
N ALA B 473 -34.64 1.98 12.59
CA ALA B 473 -34.29 1.81 13.99
C ALA B 473 -34.99 0.59 14.57
N GLN B 474 -36.23 0.35 14.16
CA GLN B 474 -36.89 -0.88 14.62
C GLN B 474 -36.19 -2.10 14.08
N ARG B 475 -35.65 -2.00 12.86
CA ARG B 475 -34.91 -3.12 12.29
C ARG B 475 -33.66 -3.40 13.12
N LEU B 476 -32.93 -2.36 13.51
CA LEU B 476 -31.70 -2.56 14.28
C LEU B 476 -32.02 -3.10 15.67
N MET B 477 -33.00 -2.51 16.35
CA MET B 477 -33.42 -3.03 17.65
C MET B 477 -33.74 -4.51 17.58
N ARG B 478 -34.29 -4.98 16.45
CA ARG B 478 -34.62 -6.39 16.31
C ARG B 478 -33.36 -7.23 16.17
N TYR B 479 -32.41 -6.80 15.32
CA TYR B 479 -31.11 -7.47 15.20
C TYR B 479 -30.45 -7.63 16.56
N TRP B 480 -30.34 -6.53 17.31
CA TRP B 480 -29.70 -6.61 18.60
C TRP B 480 -30.51 -7.47 19.57
N ALA B 481 -31.84 -7.35 19.55
CA ALA B 481 -32.66 -8.15 20.46
C ALA B 481 -32.63 -9.64 20.10
N ASN B 482 -32.73 -9.95 18.81
CA ASN B 482 -32.50 -11.31 18.34
C ASN B 482 -31.19 -11.85 18.89
N PHE B 483 -30.12 -11.07 18.73
CA PHE B 483 -28.81 -11.53 19.19
C PHE B 483 -28.83 -11.81 20.69
N ALA B 484 -29.39 -10.89 21.49
CA ALA B 484 -29.39 -11.08 22.93
C ALA B 484 -30.16 -12.33 23.35
N ARG B 485 -31.19 -12.69 22.58
CA ARG B 485 -32.06 -13.81 22.92
C ARG B 485 -31.47 -15.13 22.54
N THR B 486 -30.67 -15.14 21.46
CA THR B 486 -30.30 -16.38 20.79
C THR B 486 -28.90 -16.38 20.19
N GLY B 487 -28.02 -15.44 20.52
CA GLY B 487 -26.72 -15.38 19.88
C GLY B 487 -26.71 -15.32 18.36
N ASP B 488 -27.83 -15.03 17.71
CA ASP B 488 -27.88 -14.91 16.26
C ASP B 488 -28.80 -13.73 15.92
N PRO B 489 -28.32 -12.71 15.20
CA PRO B 489 -29.17 -11.54 14.95
C PRO B 489 -30.22 -11.77 13.88
N ASN B 490 -30.29 -12.95 13.28
CA ASN B 490 -31.19 -13.22 12.18
C ASN B 490 -32.56 -13.69 12.66
N GLU B 491 -33.58 -13.31 11.88
CA GLU B 491 -34.98 -13.63 12.07
C GLU B 491 -35.19 -15.15 12.09
N PRO B 492 -35.51 -15.71 13.28
CA PRO B 492 -35.27 -17.15 13.56
C PRO B 492 -35.54 -18.14 12.42
N ARG B 493 -36.80 -18.32 12.04
CA ARG B 493 -37.18 -19.18 10.92
C ARG B 493 -37.65 -18.37 9.71
N ASP B 494 -37.08 -17.17 9.53
CA ASP B 494 -37.51 -16.22 8.51
C ASP B 494 -36.35 -15.97 7.55
N PRO B 495 -36.22 -16.79 6.49
CA PRO B 495 -35.35 -16.41 5.37
C PRO B 495 -36.16 -15.87 4.19
N LYS B 496 -36.94 -14.81 4.44
CA LYS B 496 -37.53 -14.01 3.38
C LYS B 496 -36.64 -12.81 3.03
N ALA B 497 -35.87 -12.35 4.03
CA ALA B 497 -34.87 -11.30 3.89
C ALA B 497 -33.51 -11.92 3.56
N PRO B 498 -32.50 -11.11 3.26
CA PRO B 498 -31.16 -11.69 3.10
C PRO B 498 -30.61 -12.11 4.45
N GLN B 499 -29.88 -13.21 4.45
CA GLN B 499 -29.28 -13.71 5.67
C GLN B 499 -28.09 -12.85 6.06
N TRP B 500 -27.90 -12.66 7.33
CA TRP B 500 -26.69 -12.06 7.84
C TRP B 500 -25.71 -13.18 8.16
N PRO B 501 -24.75 -13.47 7.28
CA PRO B 501 -23.85 -14.61 7.51
C PRO B 501 -22.81 -14.26 8.55
N PRO B 502 -22.36 -15.23 9.34
CA PRO B 502 -21.36 -14.92 10.37
C PRO B 502 -20.01 -14.58 9.77
N TYR B 503 -19.22 -13.83 10.54
CA TYR B 503 -17.88 -13.44 10.11
C TYR B 503 -16.89 -14.58 10.36
N THR B 504 -16.15 -14.96 9.33
CA THR B 504 -15.14 -15.97 9.48
C THR B 504 -13.82 -15.39 9.00
N ALA B 505 -12.72 -16.00 9.46
CA ALA B 505 -11.41 -15.44 9.15
C ALA B 505 -11.08 -15.58 7.66
N GLY B 506 -11.71 -16.53 6.97
CA GLY B 506 -11.45 -16.75 5.58
C GLY B 506 -12.25 -15.84 4.67
N ALA B 507 -13.59 -16.00 4.64
CA ALA B 507 -14.44 -15.20 3.76
C ALA B 507 -14.64 -13.78 4.27
N GLN B 508 -14.63 -13.60 5.59
CA GLN B 508 -14.65 -12.28 6.22
C GLN B 508 -15.93 -11.49 5.92
N GLN B 509 -17.06 -12.19 5.82
CA GLN B 509 -18.32 -11.54 5.44
C GLN B 509 -18.91 -10.68 6.56
N TYR B 510 -19.43 -9.51 6.18
CA TYR B 510 -20.13 -8.59 7.08
C TYR B 510 -21.28 -7.97 6.31
N VAL B 511 -22.21 -7.35 7.05
CA VAL B 511 -23.35 -6.70 6.42
C VAL B 511 -23.17 -5.20 6.56
N SER B 512 -23.72 -4.47 5.59
CA SER B 512 -23.83 -3.02 5.68
C SER B 512 -25.20 -2.68 6.24
N LEU B 513 -25.22 -1.95 7.34
CA LEU B 513 -26.46 -1.49 7.94
C LEU B 513 -26.75 -0.07 7.46
N ASP B 514 -27.79 0.07 6.64
CA ASP B 514 -28.31 1.39 6.26
C ASP B 514 -29.78 1.22 5.89
N LEU B 515 -30.36 2.24 5.26
CA LEU B 515 -31.78 2.18 4.97
C LEU B 515 -32.12 1.21 3.86
N ARG B 516 -31.14 0.70 3.15
CA ARG B 516 -31.41 -0.34 2.17
C ARG B 516 -31.34 -1.69 2.85
N PRO B 517 -31.99 -2.73 2.28
CA PRO B 517 -31.90 -4.08 2.86
C PRO B 517 -30.47 -4.55 3.10
N LEU B 518 -30.30 -5.58 3.93
CA LEU B 518 -28.97 -6.11 4.25
C LEU B 518 -28.18 -6.43 3.00
N GLU B 519 -26.97 -5.91 2.93
CA GLU B 519 -26.05 -6.17 1.84
C GLU B 519 -24.80 -6.83 2.41
N VAL B 520 -24.47 -8.01 1.88
CA VAL B 520 -23.34 -8.78 2.36
C VAL B 520 -22.10 -8.39 1.58
N ARG B 521 -21.03 -8.08 2.32
CA ARG B 521 -19.77 -7.68 1.72
C ARG B 521 -18.64 -8.44 2.40
N ARG B 522 -17.48 -8.47 1.76
CA ARG B 522 -16.36 -9.27 2.22
C ARG B 522 -15.19 -8.38 2.58
N GLY B 523 -14.64 -8.57 3.78
CA GLY B 523 -13.41 -7.91 4.11
C GLY B 523 -13.59 -6.53 4.69
N LEU B 524 -13.34 -6.41 6.01
CA LEU B 524 -13.33 -5.14 6.74
C LEU B 524 -12.03 -4.37 6.51
N ARG B 525 -11.93 -3.69 5.36
CA ARG B 525 -10.68 -3.06 4.97
C ARG B 525 -9.55 -4.09 5.09
N ALA B 526 -9.74 -5.22 4.41
CA ALA B 526 -8.76 -6.28 4.49
C ALA B 526 -7.39 -5.80 4.04
N GLN B 527 -7.35 -5.06 2.93
CA GLN B 527 -6.08 -4.58 2.39
C GLN B 527 -5.44 -3.60 3.36
N ALA B 528 -6.24 -2.66 3.86
CA ALA B 528 -5.72 -1.65 4.79
C ALA B 528 -5.20 -2.29 6.07
N CYS B 529 -5.88 -3.32 6.56
CA CYS B 529 -5.55 -3.79 7.88
C CYS B 529 -4.41 -4.80 7.86
N ALA B 530 -4.09 -5.36 6.70
CA ALA B 530 -2.82 -6.05 6.57
C ALA B 530 -1.69 -5.13 6.99
N PHE B 531 -1.66 -3.90 6.47
CA PHE B 531 -0.62 -2.94 6.87
C PHE B 531 -0.58 -2.76 8.38
N TRP B 532 -1.73 -2.45 8.98
CA TRP B 532 -1.76 -2.09 10.40
C TRP B 532 -1.56 -3.30 11.31
N ASN B 533 -2.13 -4.46 10.96
CA ASN B 533 -2.09 -5.62 11.84
C ASN B 533 -0.86 -6.51 11.62
N ARG B 534 -0.28 -6.51 10.43
CA ARG B 534 0.84 -7.40 10.13
C ARG B 534 2.13 -6.64 9.88
N PHE B 535 2.18 -5.76 8.87
CA PHE B 535 3.45 -5.14 8.50
C PHE B 535 3.97 -4.19 9.58
N LEU B 536 3.15 -3.24 9.99
CA LEU B 536 3.63 -2.21 10.91
C LEU B 536 4.24 -2.78 12.19
N PRO B 537 3.70 -3.83 12.79
CA PRO B 537 4.43 -4.46 13.92
C PRO B 537 5.83 -4.89 13.57
N LYS B 538 5.99 -5.67 12.48
CA LYS B 538 7.32 -6.11 12.03
C LYS B 538 8.27 -4.94 11.86
N LEU B 539 7.81 -3.91 11.13
CA LEU B 539 8.58 -2.70 10.93
C LEU B 539 9.06 -2.10 12.24
N LEU B 540 8.16 -1.99 13.22
CA LEU B 540 8.47 -1.33 14.48
C LEU B 540 9.44 -2.13 15.34
N SER B 541 9.33 -3.47 15.33
CA SER B 541 10.24 -4.29 16.12
C SER B 541 11.58 -4.54 15.41
N ALA B 542 11.58 -4.68 14.08
CA ALA B 542 12.82 -4.93 13.35
C ALA B 542 13.71 -3.69 13.25
N THR B 543 13.16 -2.50 13.44
CA THR B 543 13.97 -1.28 13.50
C THR B 543 13.94 -0.67 14.89
#